data_4PH0
#
_entry.id   4PH0
#
_cell.length_a   94.280
_cell.length_b   94.280
_cell.length_c   257.250
_cell.angle_alpha   90.000
_cell.angle_beta   90.000
_cell.angle_gamma   120.000
#
_symmetry.space_group_name_H-M   'P 65'
#
_entity_poly.entity_id   1
_entity_poly.type   'polypeptide(L)'
_entity_poly.pdbx_seq_one_letter_code
;PIISEGNRNRHRAWALRELQDIKKEIENKAPGSQVWIQTLRLAILQADPTPADLEQLCQYIASPVDQTAHMTSLTAAIAA
AEAANTLQGFNPQNGTLTQQSAQPNAGDLRSQYQNLWLQAWKNLPTRPSVQPWSTIVQGPAESYVEFVNRLQISLADNLP
DGVPKEPIIDSLSYANANKECQQILQGRGLVAAPVGQKLQACAHWAPKVKQPAVL
;
_entity_poly.pdbx_strand_id   A,B,C,D,E,F
#
# COMPACT_ATOMS: atom_id res chain seq x y z
N PRO A 1 -12.38 -14.91 -9.95
CA PRO A 1 -13.48 -14.14 -9.39
C PRO A 1 -14.51 -13.70 -10.43
N ILE A 2 -15.77 -13.83 -10.05
CA ILE A 2 -16.88 -13.40 -10.89
C ILE A 2 -17.48 -12.13 -10.32
N ILE A 3 -17.63 -11.10 -11.14
CA ILE A 3 -18.14 -9.84 -10.62
C ILE A 3 -19.56 -9.48 -11.09
N SER A 4 -20.40 -9.22 -10.09
CA SER A 4 -21.75 -8.71 -10.26
C SER A 4 -21.77 -7.40 -11.02
N GLU A 5 -22.54 -7.34 -12.10
CA GLU A 5 -22.71 -6.07 -12.78
C GLU A 5 -24.18 -5.79 -13.09
N GLY A 6 -24.68 -6.48 -14.11
CA GLY A 6 -26.06 -6.40 -14.50
C GLY A 6 -26.70 -7.68 -14.03
N ASN A 7 -27.69 -8.15 -14.78
CA ASN A 7 -28.24 -9.46 -14.49
C ASN A 7 -27.27 -10.48 -15.06
N ARG A 8 -26.31 -9.94 -15.80
CA ARG A 8 -25.15 -10.66 -16.26
C ARG A 8 -24.00 -10.36 -15.33
N ASN A 9 -23.12 -11.33 -15.14
CA ASN A 9 -21.90 -11.09 -14.41
C ASN A 9 -20.69 -11.17 -15.29
N ARG A 10 -19.62 -10.54 -14.83
CA ARG A 10 -18.38 -10.54 -15.57
C ARG A 10 -17.31 -11.15 -14.68
N HIS A 11 -16.44 -11.95 -15.29
CA HIS A 11 -15.32 -12.56 -14.59
C HIS A 11 -14.16 -11.59 -14.45
N ARG A 12 -13.45 -11.65 -13.33
CA ARG A 12 -12.22 -10.87 -13.15
C ARG A 12 -11.08 -11.78 -12.70
N ALA A 13 -9.86 -11.44 -13.12
CA ALA A 13 -8.69 -12.20 -12.70
C ALA A 13 -8.30 -11.83 -11.27
N TRP A 14 -7.33 -12.55 -10.74
CA TRP A 14 -6.83 -12.25 -9.42
C TRP A 14 -6.08 -10.94 -9.40
N ALA A 15 -6.07 -10.33 -8.23
CA ALA A 15 -5.03 -9.37 -7.94
C ALA A 15 -4.00 -10.18 -7.17
N LEU A 16 -2.73 -10.00 -7.50
CA LEU A 16 -1.68 -10.70 -6.78
C LEU A 16 -1.78 -10.48 -5.27
N ARG A 17 -1.97 -9.24 -4.84
CA ARG A 17 -2.09 -8.99 -3.40
C ARG A 17 -3.19 -9.83 -2.78
N GLU A 18 -4.33 -9.93 -3.46
CA GLU A 18 -5.42 -10.77 -2.96
C GLU A 18 -4.91 -12.14 -2.60
N LEU A 19 -4.14 -12.71 -3.52
CA LEU A 19 -3.55 -14.04 -3.39
C LEU A 19 -2.53 -14.09 -2.27
N GLN A 20 -1.70 -13.05 -2.23
CA GLN A 20 -0.63 -12.94 -1.25
C GLN A 20 -1.21 -12.85 0.14
N ASP A 21 -2.31 -12.13 0.27
CA ASP A 21 -2.94 -11.93 1.56
C ASP A 21 -3.31 -13.26 2.15
N ILE A 22 -3.99 -14.05 1.34
CA ILE A 22 -4.46 -15.34 1.78
C ILE A 22 -3.27 -16.20 2.14
N LYS A 23 -2.25 -16.23 1.27
CA LYS A 23 -1.04 -16.99 1.55
C LYS A 23 -0.52 -16.56 2.91
N LYS A 24 -0.38 -15.26 3.10
CA LYS A 24 0.10 -14.73 4.36
C LYS A 24 -0.78 -15.23 5.48
N GLU A 25 -2.08 -15.20 5.24
CA GLU A 25 -3.01 -15.61 6.26
C GLU A 25 -2.86 -17.08 6.59
N ILE A 26 -2.77 -17.90 5.55
CA ILE A 26 -2.75 -19.33 5.73
C ILE A 26 -1.35 -19.88 5.99
N GLU A 27 -0.32 -19.07 5.71
CA GLU A 27 1.08 -19.52 5.71
C GLU A 27 1.42 -20.52 6.80
N ASN A 28 0.94 -20.27 8.00
CA ASN A 28 1.28 -21.10 9.15
C ASN A 28 0.22 -22.09 9.58
N LYS A 29 -0.67 -22.48 8.67
CA LYS A 29 -1.71 -23.43 9.04
C LYS A 29 -1.45 -24.82 8.49
N ALA A 30 -1.98 -25.81 9.19
CA ALA A 30 -1.78 -27.19 8.81
C ALA A 30 -2.77 -27.56 7.73
N PRO A 31 -2.32 -28.31 6.71
CA PRO A 31 -3.18 -28.75 5.62
C PRO A 31 -4.35 -29.60 6.12
N GLY A 32 -5.56 -29.11 5.89
CA GLY A 32 -6.74 -29.80 6.36
C GLY A 32 -7.15 -29.43 7.78
N SER A 33 -6.35 -28.61 8.46
CA SER A 33 -6.72 -28.14 9.80
C SER A 33 -7.91 -27.21 9.64
N GLN A 34 -8.75 -27.09 10.67
CA GLN A 34 -9.98 -26.33 10.50
C GLN A 34 -9.67 -24.88 10.12
N VAL A 35 -8.71 -24.29 10.82
CA VAL A 35 -8.28 -22.92 10.58
C VAL A 35 -7.81 -22.78 9.14
N TRP A 36 -7.08 -23.80 8.68
CA TRP A 36 -6.70 -23.89 7.28
C TRP A 36 -7.95 -23.81 6.42
N ILE A 37 -8.88 -24.72 6.68
CA ILE A 37 -10.09 -24.81 5.87
C ILE A 37 -11.02 -23.61 5.98
N GLN A 38 -11.21 -23.10 7.18
CA GLN A 38 -12.10 -21.96 7.37
C GLN A 38 -11.53 -20.71 6.69
N THR A 39 -10.20 -20.57 6.74
CA THR A 39 -9.53 -19.42 6.14
C THR A 39 -9.94 -19.32 4.69
N LEU A 40 -10.00 -20.45 4.02
CA LEU A 40 -10.30 -20.47 2.60
C LEU A 40 -11.77 -20.16 2.33
N ARG A 41 -12.64 -20.73 3.15
CA ARG A 41 -14.06 -20.67 2.91
C ARG A 41 -14.55 -19.23 2.79
N LEU A 42 -13.98 -18.38 3.63
CA LEU A 42 -14.32 -16.98 3.63
C LEU A 42 -13.81 -16.35 2.34
N ALA A 43 -12.58 -16.70 1.98
CA ALA A 43 -11.99 -16.18 0.77
C ALA A 43 -12.92 -16.45 -0.42
N ILE A 44 -13.51 -17.65 -0.46
CA ILE A 44 -14.43 -18.02 -1.55
C ILE A 44 -15.59 -17.05 -1.67
N LEU A 45 -16.08 -16.61 -0.52
CA LEU A 45 -17.18 -15.69 -0.45
C LEU A 45 -16.81 -14.38 -1.13
N GLN A 46 -15.52 -14.05 -1.06
CA GLN A 46 -15.03 -12.80 -1.59
C GLN A 46 -15.17 -12.69 -3.09
N ALA A 47 -14.71 -13.73 -3.74
CA ALA A 47 -14.53 -13.74 -5.18
C ALA A 47 -15.67 -14.38 -5.91
N ASP A 48 -16.19 -15.43 -5.29
CA ASP A 48 -17.06 -16.34 -6.00
C ASP A 48 -16.28 -16.77 -7.23
N PRO A 49 -15.20 -17.54 -7.01
CA PRO A 49 -14.25 -17.88 -8.06
C PRO A 49 -14.67 -19.06 -8.93
N THR A 50 -14.20 -19.10 -10.17
CA THR A 50 -14.48 -20.19 -11.08
C THR A 50 -13.51 -21.30 -10.74
N PRO A 51 -13.77 -22.53 -11.23
CA PRO A 51 -12.86 -23.64 -10.97
C PRO A 51 -11.39 -23.34 -11.27
N ALA A 52 -11.13 -22.54 -12.30
CA ALA A 52 -9.76 -22.17 -12.66
C ALA A 52 -9.03 -21.41 -11.58
N ASP A 53 -9.70 -20.41 -11.04
CA ASP A 53 -9.13 -19.56 -10.03
C ASP A 53 -8.68 -20.41 -8.86
N LEU A 54 -9.47 -21.43 -8.55
CA LEU A 54 -9.21 -22.25 -7.38
C LEU A 54 -7.95 -23.07 -7.53
N GLU A 55 -7.79 -23.67 -8.69
CA GLU A 55 -6.61 -24.48 -8.94
C GLU A 55 -5.36 -23.62 -8.86
N GLN A 56 -5.47 -22.40 -9.35
CA GLN A 56 -4.37 -21.47 -9.32
C GLN A 56 -3.89 -21.35 -7.88
N LEU A 57 -4.84 -21.36 -6.96
CA LEU A 57 -4.52 -21.26 -5.55
C LEU A 57 -3.63 -22.40 -5.08
N CYS A 58 -3.94 -23.62 -5.52
CA CYS A 58 -3.15 -24.79 -5.15
C CYS A 58 -1.66 -24.58 -5.36
N GLN A 59 -1.34 -23.93 -6.46
CA GLN A 59 0.02 -23.76 -6.85
C GLN A 59 0.70 -22.78 -5.93
N TYR A 60 -0.07 -21.79 -5.50
CA TYR A 60 0.45 -20.70 -4.70
C TYR A 60 0.58 -21.14 -3.25
N ILE A 61 -0.34 -21.99 -2.81
CA ILE A 61 -0.42 -22.31 -1.38
C ILE A 61 0.11 -23.68 -1.00
N ALA A 62 0.15 -24.61 -1.93
CA ALA A 62 0.45 -25.98 -1.54
C ALA A 62 1.77 -26.44 -2.12
N SER A 63 2.43 -27.27 -1.33
CA SER A 63 3.63 -27.90 -1.78
C SER A 63 3.14 -28.78 -2.91
N PRO A 64 3.99 -28.95 -3.93
CA PRO A 64 3.60 -29.66 -5.14
C PRO A 64 3.01 -31.01 -4.80
N VAL A 65 3.52 -31.61 -3.72
CA VAL A 65 2.99 -32.88 -3.27
C VAL A 65 1.53 -32.73 -2.88
N ASP A 66 1.24 -31.73 -2.06
CA ASP A 66 -0.11 -31.52 -1.60
C ASP A 66 -1.04 -31.13 -2.74
N GLN A 67 -0.49 -30.45 -3.74
CA GLN A 67 -1.28 -30.04 -4.90
C GLN A 67 -1.88 -31.25 -5.61
N THR A 68 -1.04 -32.26 -5.82
CA THR A 68 -1.47 -33.46 -6.51
C THR A 68 -2.49 -34.22 -5.69
N ALA A 69 -2.16 -34.41 -4.41
CA ALA A 69 -2.99 -35.16 -3.48
C ALA A 69 -4.41 -34.61 -3.39
N HIS A 70 -4.54 -33.30 -3.41
CA HIS A 70 -5.87 -32.73 -3.34
C HIS A 70 -6.66 -33.02 -4.61
N MET A 71 -6.04 -32.78 -5.77
CA MET A 71 -6.68 -33.01 -7.07
C MET A 71 -7.21 -34.43 -7.21
N THR A 72 -6.50 -35.36 -6.58
CA THR A 72 -6.85 -36.76 -6.58
C THR A 72 -8.19 -37.01 -5.94
N SER A 73 -8.30 -36.61 -4.68
CA SER A 73 -9.50 -36.79 -3.91
C SER A 73 -10.64 -36.00 -4.52
N LEU A 74 -10.28 -34.92 -5.18
CA LEU A 74 -11.25 -34.04 -5.83
C LEU A 74 -11.99 -34.74 -6.97
N THR A 75 -11.25 -35.17 -8.00
CA THR A 75 -11.88 -35.82 -9.15
C THR A 75 -12.63 -37.07 -8.73
N ALA A 76 -12.18 -37.66 -7.63
CA ALA A 76 -12.85 -38.82 -7.07
C ALA A 76 -14.24 -38.50 -6.53
N ALA A 77 -14.33 -37.48 -5.67
CA ALA A 77 -15.60 -37.09 -5.08
C ALA A 77 -16.61 -36.61 -6.11
N ILE A 78 -16.14 -36.00 -7.19
CA ILE A 78 -17.04 -35.57 -8.26
C ILE A 78 -17.86 -36.75 -8.75
N ALA A 79 -17.16 -37.82 -9.10
CA ALA A 79 -17.81 -39.02 -9.60
C ALA A 79 -18.77 -39.56 -8.55
N ALA A 80 -18.30 -39.63 -7.31
CA ALA A 80 -19.10 -40.17 -6.21
C ALA A 80 -20.39 -39.39 -6.06
N ALA A 81 -20.28 -38.08 -6.23
CA ALA A 81 -21.44 -37.23 -6.15
C ALA A 81 -22.40 -37.52 -7.30
N GLU A 82 -21.86 -37.69 -8.51
CA GLU A 82 -22.70 -38.00 -9.65
C GLU A 82 -23.30 -39.38 -9.46
N ALA A 83 -22.46 -40.35 -9.10
CA ALA A 83 -22.88 -41.74 -8.88
C ALA A 83 -23.94 -41.84 -7.79
N ALA A 84 -23.78 -41.09 -6.71
CA ALA A 84 -24.76 -41.12 -5.65
C ALA A 84 -25.91 -40.20 -6.01
N ASN A 85 -25.77 -39.48 -7.12
CA ASN A 85 -26.74 -38.46 -7.56
C ASN A 85 -27.05 -37.39 -6.51
N THR A 86 -26.02 -36.93 -5.81
CA THR A 86 -26.18 -35.86 -4.83
C THR A 86 -26.04 -34.49 -5.48
N LEU A 87 -25.71 -34.50 -6.77
CA LEU A 87 -25.50 -33.26 -7.50
C LEU A 87 -26.78 -32.60 -7.99
N GLN A 88 -27.15 -31.49 -7.36
CA GLN A 88 -28.42 -30.86 -7.65
C GLN A 88 -28.40 -30.08 -8.96
N GLY A 89 -29.07 -30.60 -9.97
CA GLY A 89 -29.29 -29.86 -11.20
C GLY A 89 -28.30 -30.10 -12.31
N PHE A 90 -27.39 -31.06 -12.14
CA PHE A 90 -26.31 -31.29 -13.09
C PHE A 90 -26.73 -32.06 -14.36
N ASN A 91 -26.48 -31.46 -15.51
CA ASN A 91 -26.57 -32.17 -16.77
C ASN A 91 -25.18 -32.35 -17.38
N PRO A 92 -24.70 -33.61 -17.40
CA PRO A 92 -23.38 -33.92 -17.97
C PRO A 92 -23.24 -33.44 -19.41
N GLN A 93 -24.36 -33.19 -20.06
CA GLN A 93 -24.38 -32.80 -21.47
C GLN A 93 -23.81 -31.42 -21.69
N ASN A 94 -23.83 -30.61 -20.65
CA ASN A 94 -23.47 -29.22 -20.80
C ASN A 94 -22.02 -29.11 -20.40
N GLY A 95 -21.41 -30.28 -20.25
CA GLY A 95 -20.03 -30.38 -19.91
C GLY A 95 -19.93 -31.03 -18.56
N THR A 96 -18.71 -31.30 -18.14
CA THR A 96 -18.46 -31.83 -16.82
C THR A 96 -18.71 -30.67 -15.89
N LEU A 97 -18.75 -30.96 -14.59
CA LEU A 97 -18.95 -29.92 -13.61
C LEU A 97 -17.91 -28.81 -13.69
N THR A 98 -16.66 -29.21 -13.95
CA THR A 98 -15.54 -28.28 -13.99
C THR A 98 -15.75 -27.18 -15.03
N GLN A 99 -16.49 -27.52 -16.08
CA GLN A 99 -16.69 -26.63 -17.20
C GLN A 99 -17.80 -25.63 -16.93
N GLN A 100 -18.89 -26.14 -16.37
CA GLN A 100 -20.11 -25.37 -16.17
C GLN A 100 -19.97 -24.25 -15.12
N SER A 101 -19.26 -24.51 -14.03
CA SER A 101 -19.15 -23.57 -12.93
C SER A 101 -18.27 -22.38 -13.27
N ALA A 102 -17.61 -22.46 -14.42
CA ALA A 102 -16.73 -21.39 -14.86
C ALA A 102 -17.54 -20.19 -15.38
N GLN A 103 -18.80 -20.41 -15.68
CA GLN A 103 -19.68 -19.37 -16.18
C GLN A 103 -20.07 -18.37 -15.12
N PRO A 104 -19.91 -17.08 -15.43
CA PRO A 104 -20.29 -16.00 -14.50
C PRO A 104 -21.71 -16.16 -13.98
N ASN A 105 -22.62 -16.67 -14.81
CA ASN A 105 -24.02 -16.81 -14.41
C ASN A 105 -24.33 -18.07 -13.60
N ALA A 106 -23.45 -19.06 -13.64
CA ALA A 106 -23.70 -20.36 -13.01
C ALA A 106 -23.29 -20.43 -11.54
N GLY A 107 -23.85 -19.56 -10.71
CA GLY A 107 -23.42 -19.49 -9.33
C GLY A 107 -23.80 -20.63 -8.39
N ASP A 108 -25.01 -21.17 -8.54
CA ASP A 108 -25.50 -22.22 -7.65
C ASP A 108 -24.66 -23.47 -7.78
N LEU A 109 -24.28 -23.79 -9.02
CA LEU A 109 -23.49 -24.97 -9.29
C LEU A 109 -22.06 -24.70 -8.80
N ARG A 110 -21.59 -23.49 -9.06
CA ARG A 110 -20.29 -23.07 -8.60
C ARG A 110 -20.31 -23.17 -7.09
N SER A 111 -21.44 -22.80 -6.49
CA SER A 111 -21.62 -22.87 -5.04
C SER A 111 -21.37 -24.27 -4.57
N GLN A 112 -21.93 -25.21 -5.34
CA GLN A 112 -21.80 -26.61 -5.01
C GLN A 112 -20.35 -27.02 -5.24
N TYR A 113 -19.79 -26.56 -6.35
CA TYR A 113 -18.41 -26.86 -6.73
C TYR A 113 -17.44 -26.45 -5.62
N GLN A 114 -17.62 -25.22 -5.15
CA GLN A 114 -16.79 -24.64 -4.11
C GLN A 114 -16.77 -25.52 -2.86
N ASN A 115 -17.91 -26.08 -2.52
CA ASN A 115 -18.04 -26.90 -1.32
C ASN A 115 -17.16 -28.14 -1.29
N LEU A 116 -17.21 -28.91 -2.37
CA LEU A 116 -16.47 -30.16 -2.47
C LEU A 116 -15.00 -29.91 -2.38
N TRP A 117 -14.61 -28.84 -3.04
CA TRP A 117 -13.23 -28.44 -3.09
C TRP A 117 -12.62 -28.30 -1.72
N LEU A 118 -13.38 -27.69 -0.84
CA LEU A 118 -12.92 -27.49 0.52
C LEU A 118 -12.70 -28.82 1.19
N GLN A 119 -13.72 -29.67 1.11
CA GLN A 119 -13.74 -30.93 1.82
C GLN A 119 -12.60 -31.85 1.43
N ALA A 120 -12.13 -31.71 0.22
CA ALA A 120 -11.07 -32.56 -0.29
C ALA A 120 -9.76 -32.43 0.53
N TRP A 121 -9.66 -31.39 1.35
CA TRP A 121 -8.46 -31.25 2.15
C TRP A 121 -8.40 -32.18 3.37
N LYS A 122 -9.52 -32.77 3.78
CA LYS A 122 -9.52 -33.68 4.93
C LYS A 122 -9.02 -35.08 4.53
N ASN A 123 -8.86 -35.28 3.23
CA ASN A 123 -8.41 -36.56 2.70
C ASN A 123 -6.90 -36.64 2.59
N LEU A 124 -6.22 -35.64 3.13
CA LEU A 124 -4.78 -35.58 2.97
C LEU A 124 -4.04 -36.45 3.99
N PRO A 125 -2.91 -37.03 3.56
CA PRO A 125 -1.93 -37.81 4.32
C PRO A 125 -1.11 -36.96 5.29
N THR A 126 -1.09 -35.66 5.07
CA THR A 126 -0.43 -34.74 5.98
C THR A 126 -1.39 -34.27 7.07
N PRO A 132 -5.00 -39.72 16.98
CA PRO A 132 -6.39 -40.13 17.22
C PRO A 132 -7.12 -39.09 18.05
N TRP A 133 -8.16 -38.53 17.45
CA TRP A 133 -8.88 -37.42 18.04
C TRP A 133 -9.58 -37.62 19.38
N SER A 134 -10.06 -38.82 19.66
CA SER A 134 -10.81 -39.02 20.89
C SER A 134 -9.98 -39.55 22.07
N THR A 135 -8.68 -39.75 21.88
CA THR A 135 -7.81 -40.28 22.94
C THR A 135 -7.37 -39.22 23.94
N ILE A 136 -7.64 -37.97 23.59
CA ILE A 136 -7.20 -36.81 24.35
C ILE A 136 -7.96 -36.67 25.66
N VAL A 137 -7.19 -36.52 26.74
CA VAL A 137 -7.73 -36.46 28.09
C VAL A 137 -7.03 -35.31 28.80
N GLN A 138 -7.60 -34.82 29.91
CA GLN A 138 -7.00 -33.71 30.62
C GLN A 138 -5.92 -34.20 31.58
N GLY A 139 -4.70 -33.70 31.41
CA GLY A 139 -3.61 -34.08 32.29
C GLY A 139 -3.81 -33.60 33.71
N PRO A 140 -3.04 -34.16 34.65
CA PRO A 140 -3.11 -33.78 36.06
C PRO A 140 -2.78 -32.30 36.26
N ALA A 141 -2.04 -31.72 35.32
CA ALA A 141 -1.61 -30.34 35.45
C ALA A 141 -2.06 -29.48 34.28
N GLU A 142 -2.98 -29.99 33.47
CA GLU A 142 -3.48 -29.21 32.36
C GLU A 142 -4.74 -28.47 32.76
N SER A 143 -4.80 -27.18 32.46
CA SER A 143 -5.98 -26.36 32.71
C SER A 143 -7.16 -26.84 31.87
N TYR A 144 -8.38 -26.79 32.44
CA TYR A 144 -9.58 -27.25 31.73
C TYR A 144 -9.70 -26.57 30.38
N VAL A 145 -9.48 -25.26 30.37
CA VAL A 145 -9.56 -24.47 29.14
C VAL A 145 -8.57 -25.01 28.09
N GLU A 146 -7.39 -25.41 28.56
CA GLU A 146 -6.36 -25.97 27.71
C GLU A 146 -6.83 -27.33 27.23
N PHE A 147 -7.41 -28.09 28.15
CA PHE A 147 -8.00 -29.38 27.85
C PHE A 147 -9.09 -29.26 26.82
N VAL A 148 -10.00 -28.32 27.06
CA VAL A 148 -11.09 -28.06 26.14
C VAL A 148 -10.56 -27.66 24.79
N ASN A 149 -9.45 -26.93 24.77
CA ASN A 149 -8.86 -26.51 23.50
C ASN A 149 -8.49 -27.72 22.64
N ARG A 150 -7.67 -28.61 23.17
CA ARG A 150 -7.24 -29.81 22.47
C ARG A 150 -8.44 -30.55 21.93
N LEU A 151 -9.46 -30.62 22.78
CA LEU A 151 -10.67 -31.32 22.45
C LEU A 151 -11.34 -30.78 21.20
N GLN A 152 -11.64 -29.48 21.22
CA GLN A 152 -12.36 -28.84 20.13
C GLN A 152 -11.62 -28.79 18.80
N ILE A 153 -10.31 -28.62 18.86
CA ILE A 153 -9.48 -28.61 17.68
C ILE A 153 -9.61 -29.96 17.03
N SER A 154 -9.42 -30.98 17.86
CA SER A 154 -9.36 -32.36 17.43
C SER A 154 -10.62 -32.85 16.70
N LEU A 155 -11.79 -32.45 17.19
CA LEU A 155 -13.06 -32.85 16.57
C LEU A 155 -13.25 -32.23 15.20
N ALA A 156 -13.08 -30.92 15.17
CA ALA A 156 -13.26 -30.10 13.96
C ALA A 156 -12.24 -30.51 12.93
N ASP A 157 -11.13 -31.01 13.43
CA ASP A 157 -10.09 -31.58 12.61
C ASP A 157 -10.52 -32.92 12.06
N ASN A 158 -11.01 -33.74 12.96
CA ASN A 158 -11.18 -35.15 12.72
C ASN A 158 -12.61 -35.74 12.63
N LEU A 159 -13.47 -35.43 13.60
CA LEU A 159 -14.81 -36.05 13.70
C LEU A 159 -15.55 -36.18 12.36
N PRO A 160 -16.15 -37.37 12.12
CA PRO A 160 -16.90 -37.63 10.90
C PRO A 160 -18.09 -36.70 10.72
N ASP A 161 -18.40 -36.56 9.44
CA ASP A 161 -19.34 -35.60 8.90
C ASP A 161 -20.79 -35.75 9.33
N GLY A 162 -21.36 -36.93 9.11
CA GLY A 162 -22.74 -37.17 9.48
C GLY A 162 -22.94 -37.06 10.97
N VAL A 163 -21.84 -36.81 11.68
CA VAL A 163 -21.83 -36.80 13.14
C VAL A 163 -21.93 -35.43 13.76
N PRO A 164 -23.00 -35.20 14.54
CA PRO A 164 -23.24 -33.95 15.27
C PRO A 164 -22.26 -33.76 16.41
N LYS A 165 -21.62 -32.60 16.46
CA LYS A 165 -20.59 -32.31 17.45
C LYS A 165 -21.19 -31.95 18.78
N GLU A 166 -22.35 -31.34 18.68
CA GLU A 166 -23.06 -30.76 19.80
C GLU A 166 -23.23 -31.78 20.93
N PRO A 167 -23.91 -32.92 20.67
CA PRO A 167 -24.13 -33.84 21.79
C PRO A 167 -22.84 -34.39 22.33
N ILE A 168 -21.88 -34.58 21.43
CA ILE A 168 -20.60 -35.18 21.78
C ILE A 168 -19.73 -34.30 22.64
N ILE A 169 -19.56 -33.06 22.18
CA ILE A 169 -18.79 -32.07 22.90
C ILE A 169 -19.27 -31.99 24.32
N ASP A 170 -20.58 -31.81 24.47
CA ASP A 170 -21.21 -31.70 25.77
C ASP A 170 -20.93 -32.93 26.63
N SER A 171 -20.80 -34.08 25.99
CA SER A 171 -20.62 -35.32 26.72
C SER A 171 -19.18 -35.53 27.17
N LEU A 172 -18.28 -35.51 26.20
CA LEU A 172 -16.89 -35.81 26.45
C LEU A 172 -16.18 -34.75 27.29
N SER A 173 -16.71 -33.53 27.25
CA SER A 173 -16.17 -32.43 28.03
C SER A 173 -16.11 -32.84 29.48
N TYR A 174 -17.07 -33.63 29.91
CA TYR A 174 -17.05 -34.20 31.25
C TYR A 174 -16.29 -35.50 31.33
N ALA A 175 -16.70 -36.44 30.49
CA ALA A 175 -16.20 -37.80 30.54
C ALA A 175 -14.68 -37.84 30.58
N ASN A 176 -14.06 -37.06 29.71
CA ASN A 176 -12.63 -37.09 29.49
C ASN A 176 -11.82 -36.14 30.40
N ALA A 177 -12.48 -35.60 31.41
CA ALA A 177 -11.85 -34.73 32.39
C ALA A 177 -11.12 -35.51 33.50
N ASN A 178 -10.17 -34.88 34.18
CA ASN A 178 -9.51 -35.55 35.30
C ASN A 178 -10.42 -35.56 36.54
N LYS A 179 -10.05 -36.33 37.55
CA LYS A 179 -10.85 -36.47 38.77
C LYS A 179 -11.24 -35.13 39.34
N GLU A 180 -10.28 -34.22 39.33
CA GLU A 180 -10.39 -32.90 39.93
C GLU A 180 -11.56 -32.13 39.36
N CYS A 181 -11.63 -32.04 38.04
CA CYS A 181 -12.64 -31.23 37.40
C CYS A 181 -13.95 -31.98 37.37
N GLN A 182 -13.86 -33.29 37.42
CA GLN A 182 -15.06 -34.10 37.45
C GLN A 182 -15.84 -33.92 38.73
N GLN A 183 -15.17 -33.95 39.88
CA GLN A 183 -15.84 -33.81 41.18
C GLN A 183 -16.64 -32.52 41.30
N ILE A 184 -16.16 -31.49 40.64
CA ILE A 184 -16.80 -30.18 40.68
C ILE A 184 -18.13 -30.21 39.94
N LEU A 185 -18.08 -30.77 38.72
CA LEU A 185 -19.25 -30.88 37.87
C LEU A 185 -20.28 -31.71 38.59
N GLN A 186 -19.78 -32.66 39.36
CA GLN A 186 -20.62 -33.44 40.25
C GLN A 186 -21.21 -32.47 41.24
N GLY A 187 -20.34 -31.63 41.80
CA GLY A 187 -20.73 -30.69 42.83
C GLY A 187 -21.94 -29.83 42.53
N ARG A 188 -22.00 -29.29 41.33
CA ARG A 188 -23.17 -28.51 40.93
C ARG A 188 -24.09 -29.31 40.01
N GLY A 189 -23.62 -30.50 39.62
CA GLY A 189 -24.42 -31.37 38.76
C GLY A 189 -24.46 -30.80 37.36
N LEU A 190 -23.30 -30.43 36.84
CA LEU A 190 -23.23 -29.84 35.50
C LEU A 190 -22.67 -30.84 34.52
N VAL A 191 -22.74 -32.10 34.93
CA VAL A 191 -22.17 -33.19 34.19
C VAL A 191 -22.78 -33.23 32.81
N ALA A 192 -24.03 -32.81 32.72
CA ALA A 192 -24.77 -32.87 31.47
C ALA A 192 -24.97 -31.53 30.78
N ALA A 193 -24.52 -30.45 31.41
CA ALA A 193 -24.68 -29.14 30.81
C ALA A 193 -23.78 -29.00 29.58
N PRO A 194 -24.20 -28.21 28.58
CA PRO A 194 -23.29 -27.94 27.47
C PRO A 194 -21.99 -27.43 28.01
N VAL A 195 -20.90 -27.82 27.38
CA VAL A 195 -19.55 -27.59 27.87
C VAL A 195 -19.29 -26.14 28.25
N GLY A 196 -19.95 -25.21 27.57
CA GLY A 196 -19.70 -23.80 27.85
C GLY A 196 -20.01 -23.49 29.29
N GLN A 197 -20.98 -24.20 29.86
CA GLN A 197 -21.33 -24.01 31.25
C GLN A 197 -20.43 -24.85 32.12
N LYS A 198 -19.87 -25.90 31.53
CA LYS A 198 -18.85 -26.66 32.21
C LYS A 198 -17.61 -25.77 32.29
N LEU A 199 -17.36 -25.02 31.21
CA LEU A 199 -16.23 -24.08 31.16
C LEU A 199 -16.33 -23.01 32.22
N GLN A 200 -17.51 -22.40 32.30
CA GLN A 200 -17.79 -21.30 33.20
C GLN A 200 -17.40 -21.69 34.62
N ALA A 201 -17.62 -22.95 34.95
CA ALA A 201 -17.34 -23.44 36.28
C ALA A 201 -15.85 -23.74 36.54
N CYS A 202 -15.20 -24.44 35.62
CA CYS A 202 -13.85 -24.97 35.85
C CYS A 202 -12.68 -24.06 35.49
N ALA A 203 -12.96 -22.81 35.13
CA ALA A 203 -11.91 -21.92 34.61
C ALA A 203 -10.80 -21.51 35.57
N HIS A 204 -10.99 -21.66 36.87
CA HIS A 204 -10.06 -21.09 37.83
C HIS A 204 -9.10 -22.07 38.52
N TRP A 205 -9.34 -23.37 38.33
CA TRP A 205 -8.54 -24.43 38.95
C TRP A 205 -7.01 -24.38 38.70
N ALA A 206 -6.24 -24.81 39.70
CA ALA A 206 -4.78 -24.93 39.58
C ALA A 206 -4.36 -26.37 39.80
N PRO B 1 -1.32 -4.97 -21.95
CA PRO B 1 -2.61 -5.35 -21.36
C PRO B 1 -3.81 -4.93 -22.20
N ILE B 2 -4.74 -5.86 -22.39
CA ILE B 2 -5.96 -5.63 -23.15
C ILE B 2 -7.20 -5.62 -22.25
N ILE B 3 -8.04 -4.60 -22.37
CA ILE B 3 -9.25 -4.58 -21.53
C ILE B 3 -10.55 -4.83 -22.30
N SER B 4 -11.11 -6.03 -22.14
CA SER B 4 -12.41 -6.34 -22.73
C SER B 4 -13.47 -5.35 -22.24
N GLU B 5 -14.14 -4.67 -23.16
CA GLU B 5 -15.22 -3.80 -22.75
C GLU B 5 -16.45 -3.92 -23.61
N ASN B 9 -12.23 -4.41 -25.77
CA ASN B 9 -10.86 -4.90 -25.91
C ASN B 9 -9.85 -3.83 -26.30
N ARG B 10 -9.33 -3.07 -25.33
CA ARG B 10 -8.42 -1.97 -25.63
C ARG B 10 -7.09 -2.21 -24.94
N HIS B 11 -6.00 -1.93 -25.65
CA HIS B 11 -4.70 -2.06 -25.03
C HIS B 11 -4.25 -0.85 -24.23
N ARG B 12 -3.58 -1.12 -23.11
CA ARG B 12 -2.90 -0.11 -22.32
C ARG B 12 -1.51 -0.64 -22.02
N ALA B 13 -0.54 0.24 -21.82
CA ALA B 13 0.80 -0.24 -21.49
C ALA B 13 0.84 -0.71 -20.05
N TRP B 14 1.96 -1.30 -19.66
CA TRP B 14 2.11 -1.79 -18.31
C TRP B 14 2.08 -0.73 -17.25
N ALA B 15 1.60 -1.09 -16.06
CA ALA B 15 1.88 -0.30 -14.88
C ALA B 15 3.12 -0.90 -14.24
N LEU B 16 4.06 -0.05 -13.87
CA LEU B 16 5.26 -0.49 -13.21
C LEU B 16 4.95 -1.32 -11.96
N ARG B 17 3.96 -0.88 -11.19
CA ARG B 17 3.56 -1.55 -9.96
C ARG B 17 3.29 -3.01 -10.28
N GLU B 18 2.65 -3.24 -11.41
CA GLU B 18 2.39 -4.58 -11.90
C GLU B 18 3.67 -5.41 -12.04
N LEU B 19 4.66 -4.79 -12.67
CA LEU B 19 5.95 -5.40 -12.95
C LEU B 19 6.83 -5.65 -11.73
N GLN B 20 6.87 -4.65 -10.86
CA GLN B 20 7.71 -4.74 -9.67
C GLN B 20 7.24 -5.89 -8.83
N ASP B 21 5.92 -6.04 -8.73
CA ASP B 21 5.31 -7.06 -7.90
C ASP B 21 5.79 -8.44 -8.33
N ILE B 22 5.73 -8.67 -9.63
CA ILE B 22 6.11 -9.94 -10.24
C ILE B 22 7.57 -10.32 -10.06
N LYS B 23 8.44 -9.35 -10.27
CA LYS B 23 9.87 -9.56 -10.07
C LYS B 23 10.12 -10.10 -8.66
N LYS B 24 9.64 -9.37 -7.66
CA LYS B 24 9.83 -9.74 -6.26
C LYS B 24 9.34 -11.14 -5.99
N GLU B 25 8.21 -11.47 -6.57
CA GLU B 25 7.59 -12.75 -6.37
C GLU B 25 8.54 -13.80 -6.89
N ILE B 26 9.06 -13.54 -8.08
CA ILE B 26 9.93 -14.47 -8.77
C ILE B 26 11.40 -14.27 -8.39
N GLU B 27 11.67 -13.18 -7.69
CA GLU B 27 13.03 -12.68 -7.42
C GLU B 27 14.11 -13.74 -7.27
N ASN B 28 13.86 -14.72 -6.44
CA ASN B 28 14.85 -15.73 -6.14
C ASN B 28 14.58 -17.09 -6.78
N LYS B 29 13.85 -17.11 -7.89
CA LYS B 29 13.56 -18.38 -8.57
C LYS B 29 14.39 -18.60 -9.83
N ALA B 30 14.60 -19.88 -10.16
CA ALA B 30 15.43 -20.26 -11.31
C ALA B 30 14.63 -20.23 -12.61
N PRO B 31 15.28 -19.81 -13.71
CA PRO B 31 14.67 -19.72 -15.05
C PRO B 31 14.16 -21.04 -15.59
N GLY B 32 12.85 -21.12 -15.82
CA GLY B 32 12.25 -22.33 -16.34
C GLY B 32 11.89 -23.33 -15.27
N SER B 33 12.25 -23.02 -14.03
CA SER B 33 11.91 -23.87 -12.91
C SER B 33 10.39 -23.83 -12.78
N GLN B 34 9.78 -24.87 -12.23
CA GLN B 34 8.33 -24.93 -12.22
C GLN B 34 7.75 -23.71 -11.50
N VAL B 35 8.26 -23.41 -10.31
CA VAL B 35 7.79 -22.27 -9.51
C VAL B 35 7.93 -20.98 -10.29
N TRP B 36 9.04 -20.89 -11.01
CA TRP B 36 9.27 -19.80 -11.95
C TRP B 36 8.11 -19.73 -12.91
N ILE B 37 7.85 -20.85 -13.56
CA ILE B 37 6.81 -20.94 -14.58
C ILE B 37 5.45 -20.63 -13.95
N GLN B 38 5.25 -21.11 -12.73
CA GLN B 38 3.98 -20.92 -12.05
C GLN B 38 3.75 -19.42 -11.78
N THR B 39 4.80 -18.73 -11.35
CA THR B 39 4.76 -17.30 -11.02
C THR B 39 4.33 -16.42 -12.19
N LEU B 40 4.87 -16.74 -13.36
CA LEU B 40 4.59 -15.98 -14.56
C LEU B 40 3.18 -16.23 -15.04
N ARG B 41 2.78 -17.50 -14.96
CA ARG B 41 1.52 -17.96 -15.50
C ARG B 41 0.39 -17.13 -14.96
N LEU B 42 0.47 -16.75 -13.69
CA LEU B 42 -0.57 -15.96 -13.08
C LEU B 42 -0.65 -14.57 -13.69
N ALA B 43 0.50 -13.91 -13.79
CA ALA B 43 0.57 -12.55 -14.30
C ALA B 43 -0.10 -12.40 -15.64
N ILE B 44 0.17 -13.36 -16.50
CA ILE B 44 -0.39 -13.40 -17.84
C ILE B 44 -1.89 -13.36 -17.83
N LEU B 45 -2.45 -14.18 -16.95
CA LEU B 45 -3.87 -14.32 -16.80
C LEU B 45 -4.48 -13.00 -16.36
N GLN B 46 -3.75 -12.29 -15.51
CA GLN B 46 -4.24 -11.02 -15.01
C GLN B 46 -4.32 -10.03 -16.15
N ALA B 47 -3.32 -10.04 -17.02
CA ALA B 47 -3.22 -8.97 -17.98
C ALA B 47 -3.78 -9.27 -19.37
N ASP B 48 -3.56 -10.49 -19.86
CA ASP B 48 -3.77 -10.82 -21.28
C ASP B 48 -2.95 -9.91 -22.21
N PRO B 49 -1.60 -10.00 -22.16
CA PRO B 49 -0.57 -9.17 -22.83
C PRO B 49 -0.17 -9.49 -24.28
N THR B 50 0.32 -8.50 -25.02
CA THR B 50 0.79 -8.69 -26.41
C THR B 50 2.22 -9.24 -26.46
N PRO B 51 2.64 -9.77 -27.63
CA PRO B 51 4.02 -10.23 -27.78
C PRO B 51 5.03 -9.17 -27.38
N ALA B 52 4.70 -7.93 -27.69
CA ALA B 52 5.53 -6.81 -27.37
C ALA B 52 5.68 -6.74 -25.87
N ASP B 53 4.55 -6.83 -25.20
CA ASP B 53 4.53 -6.77 -23.75
C ASP B 53 5.41 -7.89 -23.22
N LEU B 54 5.34 -9.03 -23.90
CA LEU B 54 6.07 -10.22 -23.48
C LEU B 54 7.56 -10.04 -23.64
N GLU B 55 7.95 -9.44 -24.76
CA GLU B 55 9.36 -9.16 -24.97
C GLU B 55 9.83 -8.22 -23.87
N GLN B 56 8.97 -7.28 -23.47
CA GLN B 56 9.30 -6.36 -22.38
C GLN B 56 9.62 -7.17 -21.15
N LEU B 57 8.85 -8.23 -20.97
CA LEU B 57 9.03 -9.09 -19.81
C LEU B 57 10.39 -9.74 -19.75
N CYS B 58 10.87 -10.28 -20.88
CA CYS B 58 12.18 -10.93 -20.91
C CYS B 58 13.21 -10.02 -20.27
N GLN B 59 13.08 -8.73 -20.55
CA GLN B 59 14.07 -7.76 -20.14
C GLN B 59 14.05 -7.42 -18.64
N TYR B 60 12.89 -7.40 -18.00
CA TYR B 60 12.82 -7.00 -16.60
C TYR B 60 13.31 -8.14 -15.70
N ILE B 61 13.12 -9.35 -16.18
CA ILE B 61 13.32 -10.53 -15.35
C ILE B 61 14.55 -11.40 -15.61
N ALA B 62 15.05 -11.42 -16.85
CA ALA B 62 16.07 -12.41 -17.22
C ALA B 62 17.41 -11.78 -17.60
N SER B 63 18.50 -12.50 -17.37
CA SER B 63 19.79 -12.04 -17.82
C SER B 63 19.72 -12.03 -19.35
N PRO B 64 20.43 -11.08 -19.98
CA PRO B 64 20.38 -10.87 -21.42
C PRO B 64 20.64 -12.17 -22.15
N VAL B 65 21.48 -12.97 -21.52
CA VAL B 65 21.82 -14.29 -22.03
C VAL B 65 20.57 -15.11 -22.07
N ASP B 66 19.90 -15.13 -20.93
CA ASP B 66 18.70 -15.90 -20.78
C ASP B 66 17.60 -15.34 -21.67
N GLN B 67 17.59 -14.03 -21.85
CA GLN B 67 16.64 -13.42 -22.76
C GLN B 67 16.88 -13.89 -24.17
N THR B 68 18.15 -13.84 -24.56
CA THR B 68 18.55 -14.16 -25.91
C THR B 68 18.28 -15.62 -26.16
N ALA B 69 18.66 -16.44 -25.19
CA ALA B 69 18.42 -17.86 -25.26
C ALA B 69 16.93 -18.12 -25.45
N HIS B 70 16.12 -17.31 -24.77
CA HIS B 70 14.68 -17.40 -24.84
C HIS B 70 14.19 -17.01 -26.23
N MET B 71 14.74 -15.90 -26.75
CA MET B 71 14.38 -15.40 -28.07
C MET B 71 14.52 -16.50 -29.08
N THR B 72 15.58 -17.27 -28.88
CA THR B 72 15.90 -18.42 -29.68
C THR B 72 14.93 -19.59 -29.57
N SER B 73 14.77 -20.17 -28.37
CA SER B 73 13.94 -21.35 -28.18
C SER B 73 12.49 -21.04 -28.55
N LEU B 74 12.14 -19.77 -28.37
CA LEU B 74 10.83 -19.27 -28.69
C LEU B 74 10.56 -19.43 -30.18
N THR B 75 11.36 -18.77 -30.99
CA THR B 75 11.17 -18.79 -32.44
C THR B 75 11.28 -20.21 -32.99
N ALA B 76 12.03 -21.06 -32.30
CA ALA B 76 12.15 -22.47 -32.66
C ALA B 76 10.81 -23.14 -32.47
N ALA B 77 10.24 -22.94 -31.29
CA ALA B 77 8.94 -23.49 -30.99
C ALA B 77 7.92 -22.87 -31.95
N ILE B 78 8.12 -21.60 -32.28
CA ILE B 78 7.24 -20.89 -33.21
C ILE B 78 7.14 -21.54 -34.58
N ALA B 79 8.28 -21.73 -35.23
CA ALA B 79 8.30 -22.31 -36.57
C ALA B 79 7.69 -23.71 -36.59
N ALA B 80 8.02 -24.50 -35.57
CA ALA B 80 7.54 -25.88 -35.47
C ALA B 80 6.02 -25.95 -35.44
N ALA B 81 5.40 -25.06 -34.68
CA ALA B 81 3.96 -25.00 -34.62
C ALA B 81 3.43 -24.54 -35.97
N GLU B 82 4.10 -23.54 -36.54
CA GLU B 82 3.73 -22.97 -37.83
C GLU B 82 3.84 -24.01 -38.93
N ALA B 83 4.99 -24.66 -38.98
CA ALA B 83 5.25 -25.72 -39.96
C ALA B 83 4.34 -26.94 -39.81
N ALA B 84 4.09 -27.35 -38.58
CA ALA B 84 3.32 -28.58 -38.32
C ALA B 84 1.82 -28.40 -38.44
N ASN B 85 1.36 -27.18 -38.66
CA ASN B 85 -0.07 -26.89 -38.72
C ASN B 85 -0.77 -27.40 -37.46
N THR B 86 -0.04 -27.31 -36.36
CA THR B 86 -0.58 -27.69 -35.07
C THR B 86 -1.23 -26.45 -34.48
N LEU B 87 -1.05 -25.33 -35.17
CA LEU B 87 -1.62 -24.05 -34.77
C LEU B 87 -3.08 -23.92 -35.20
N GLN B 88 -3.97 -23.95 -34.22
CA GLN B 88 -5.39 -23.93 -34.51
C GLN B 88 -5.73 -22.53 -34.92
N GLY B 89 -6.00 -22.36 -36.21
CA GLY B 89 -6.44 -21.08 -36.73
C GLY B 89 -5.33 -20.28 -37.37
N PHE B 90 -4.13 -20.86 -37.49
CA PHE B 90 -3.02 -20.09 -38.07
C PHE B 90 -3.12 -19.99 -39.58
N ASN B 91 -3.27 -18.77 -40.07
CA ASN B 91 -3.13 -18.54 -41.50
C ASN B 91 -1.95 -17.60 -41.75
N PRO B 92 -0.84 -18.13 -42.26
CA PRO B 92 0.39 -17.38 -42.55
C PRO B 92 0.20 -16.17 -43.47
N GLN B 93 -0.95 -16.08 -44.14
CA GLN B 93 -1.20 -15.04 -45.13
C GLN B 93 -1.31 -13.65 -44.51
N ASN B 94 -1.57 -13.62 -43.21
CA ASN B 94 -1.80 -12.37 -42.52
C ASN B 94 -0.56 -11.90 -41.74
N GLY B 95 0.56 -12.58 -41.93
CA GLY B 95 1.74 -12.18 -41.20
C GLY B 95 2.15 -13.30 -40.27
N THR B 96 3.24 -13.13 -39.55
CA THR B 96 3.68 -14.14 -38.60
C THR B 96 2.74 -14.15 -37.40
N LEU B 97 2.84 -15.18 -36.59
CA LEU B 97 2.01 -15.26 -35.39
C LEU B 97 2.27 -14.04 -34.52
N THR B 98 3.53 -13.63 -34.43
CA THR B 98 3.90 -12.47 -33.62
C THR B 98 3.19 -11.24 -34.16
N GLN B 99 2.92 -11.26 -35.46
CA GLN B 99 2.25 -10.15 -36.11
C GLN B 99 0.77 -10.31 -35.81
N GLN B 100 0.27 -11.54 -35.94
CA GLN B 100 -1.15 -11.81 -35.72
C GLN B 100 -1.57 -11.67 -34.25
N SER B 101 -0.73 -12.15 -33.34
CA SER B 101 -1.08 -12.21 -31.92
C SER B 101 -1.06 -10.85 -31.23
N ALA B 102 -0.61 -9.83 -31.94
CA ALA B 102 -0.54 -8.48 -31.40
C ALA B 102 -1.93 -7.86 -31.29
N GLN B 103 -2.90 -8.48 -31.97
CA GLN B 103 -4.27 -8.01 -32.03
C GLN B 103 -5.06 -8.19 -30.72
N PRO B 104 -5.68 -7.11 -30.22
CA PRO B 104 -6.45 -7.08 -28.98
C PRO B 104 -7.56 -8.13 -28.91
N ASN B 105 -8.21 -8.34 -30.04
CA ASN B 105 -9.31 -9.28 -30.13
C ASN B 105 -8.86 -10.71 -30.36
N ALA B 106 -7.58 -10.89 -30.72
CA ALA B 106 -7.09 -12.21 -31.09
C ALA B 106 -6.73 -13.03 -29.87
N GLY B 107 -7.70 -13.19 -28.98
CA GLY B 107 -7.52 -13.89 -27.73
C GLY B 107 -7.32 -15.36 -28.05
N ASP B 108 -7.97 -15.81 -29.13
CA ASP B 108 -7.91 -17.19 -29.54
C ASP B 108 -6.46 -17.53 -29.88
N LEU B 109 -5.82 -16.68 -30.67
CA LEU B 109 -4.42 -16.87 -31.06
C LEU B 109 -3.43 -16.46 -30.00
N ARG B 110 -3.71 -15.32 -29.37
CA ARG B 110 -2.80 -14.79 -28.36
C ARG B 110 -2.58 -15.80 -27.27
N SER B 111 -3.66 -16.47 -26.88
CA SER B 111 -3.64 -17.48 -25.83
C SER B 111 -2.61 -18.54 -26.15
N GLN B 112 -2.58 -18.92 -27.41
CA GLN B 112 -1.69 -19.97 -27.89
C GLN B 112 -0.25 -19.51 -27.84
N TYR B 113 -0.03 -18.27 -28.25
CA TYR B 113 1.28 -17.64 -28.24
C TYR B 113 1.82 -17.66 -26.82
N GLN B 114 0.94 -17.27 -25.90
CA GLN B 114 1.24 -17.21 -24.49
C GLN B 114 1.78 -18.54 -23.98
N ASN B 115 1.16 -19.63 -24.44
CA ASN B 115 1.57 -20.95 -23.99
C ASN B 115 3.00 -21.25 -24.39
N LEU B 116 3.32 -20.96 -25.63
CA LEU B 116 4.65 -21.22 -26.13
C LEU B 116 5.72 -20.42 -25.40
N TRP B 117 5.38 -19.18 -25.08
CA TRP B 117 6.30 -18.25 -24.44
C TRP B 117 6.81 -18.86 -23.13
N LEU B 118 5.91 -19.48 -22.37
CA LEU B 118 6.29 -20.24 -21.19
C LEU B 118 7.11 -21.44 -21.60
N GLN B 119 6.62 -22.16 -22.61
CA GLN B 119 7.29 -23.36 -23.04
C GLN B 119 8.71 -23.04 -23.39
N ALA B 120 8.92 -21.85 -23.91
CA ALA B 120 10.26 -21.42 -24.26
C ALA B 120 11.12 -21.37 -23.01
N TRP B 121 10.48 -21.25 -21.85
CA TRP B 121 11.22 -21.27 -20.59
C TRP B 121 11.53 -22.65 -20.10
N LYS B 122 10.80 -23.62 -20.60
CA LYS B 122 11.03 -24.99 -20.13
C LYS B 122 12.29 -25.60 -20.76
N ASN B 123 12.89 -24.87 -21.69
CA ASN B 123 14.07 -25.35 -22.40
C ASN B 123 15.36 -24.72 -21.89
N LEU B 124 16.48 -25.13 -22.47
CA LEU B 124 17.76 -24.64 -22.03
C LEU B 124 18.03 -23.31 -22.68
N TRP B 133 8.89 -37.78 -20.67
CA TRP B 133 8.20 -38.41 -19.55
C TRP B 133 8.31 -39.94 -19.46
N SER B 134 8.39 -40.64 -20.58
CA SER B 134 8.35 -42.12 -20.53
C SER B 134 9.71 -42.71 -20.27
N THR B 135 10.71 -41.84 -20.23
CA THR B 135 12.06 -42.26 -19.94
C THR B 135 12.23 -42.39 -18.42
N ILE B 136 11.71 -41.35 -17.75
CA ILE B 136 11.72 -41.09 -16.29
C ILE B 136 10.70 -41.98 -15.52
N VAL B 137 11.21 -42.62 -14.46
CA VAL B 137 10.53 -43.67 -13.71
C VAL B 137 10.73 -43.44 -12.20
N GLN B 138 9.95 -44.14 -11.35
CA GLN B 138 9.98 -44.01 -9.88
C GLN B 138 11.07 -44.81 -9.20
N GLY B 139 11.85 -44.13 -8.37
CA GLY B 139 12.93 -44.77 -7.63
C GLY B 139 12.39 -45.80 -6.67
N PRO B 140 13.27 -46.68 -6.17
CA PRO B 140 12.84 -47.77 -5.28
C PRO B 140 12.16 -47.30 -4.00
N ALA B 141 12.47 -46.09 -3.55
CA ALA B 141 11.87 -45.57 -2.33
C ALA B 141 11.26 -44.19 -2.56
N GLU B 142 11.01 -43.82 -3.80
CA GLU B 142 10.39 -42.52 -4.03
C GLU B 142 8.91 -42.70 -3.76
N SER B 143 8.35 -41.75 -3.04
CA SER B 143 6.94 -41.80 -2.71
C SER B 143 6.11 -41.81 -3.97
N TYR B 144 5.08 -42.65 -3.94
CA TYR B 144 4.17 -42.79 -5.06
C TYR B 144 3.61 -41.43 -5.45
N VAL B 145 3.18 -40.67 -4.45
CA VAL B 145 2.56 -39.36 -4.68
C VAL B 145 3.48 -38.38 -5.41
N GLU B 146 4.74 -38.32 -4.99
CA GLU B 146 5.67 -37.41 -5.64
C GLU B 146 6.06 -37.96 -7.00
N PHE B 147 6.13 -39.28 -7.10
CA PHE B 147 6.36 -39.91 -8.40
C PHE B 147 5.28 -39.44 -9.36
N VAL B 148 4.03 -39.51 -8.92
CA VAL B 148 2.90 -39.05 -9.70
C VAL B 148 3.04 -37.56 -10.01
N ASN B 149 3.61 -36.83 -9.07
CA ASN B 149 3.83 -35.40 -9.24
C ASN B 149 4.67 -35.13 -10.50
N ARG B 150 5.86 -35.72 -10.55
CA ARG B 150 6.81 -35.66 -11.67
C ARG B 150 6.19 -36.07 -13.00
N LEU B 151 5.41 -37.14 -12.93
CA LEU B 151 4.72 -37.74 -14.07
C LEU B 151 3.79 -36.73 -14.71
N GLN B 152 2.91 -36.19 -13.90
CA GLN B 152 1.95 -35.21 -14.36
C GLN B 152 2.67 -33.94 -14.79
N ILE B 153 3.83 -33.67 -14.23
CA ILE B 153 4.61 -32.55 -14.69
C ILE B 153 4.97 -32.71 -16.16
N SER B 154 5.70 -33.77 -16.47
CA SER B 154 6.18 -33.98 -17.84
C SER B 154 5.06 -34.22 -18.87
N LEU B 155 4.01 -34.96 -18.51
CA LEU B 155 2.90 -35.22 -19.43
C LEU B 155 2.10 -33.98 -19.78
N ALA B 156 1.78 -33.18 -18.76
CA ALA B 156 0.99 -31.97 -18.93
C ALA B 156 1.73 -31.05 -19.88
N ASP B 157 3.03 -31.26 -19.98
CA ASP B 157 3.87 -30.54 -20.92
C ASP B 157 3.52 -30.93 -22.35
N ASN B 158 3.29 -32.21 -22.63
CA ASN B 158 3.16 -32.59 -24.04
C ASN B 158 1.75 -32.94 -24.51
N LEU B 159 1.29 -34.15 -24.20
CA LEU B 159 -0.03 -34.65 -24.62
C LEU B 159 -0.19 -34.68 -26.14
N LYS B 165 -4.88 -37.70 -21.57
CA LYS B 165 -4.02 -37.77 -20.40
C LYS B 165 -4.45 -38.83 -19.40
N GLU B 166 -5.75 -38.87 -19.17
CA GLU B 166 -6.36 -39.70 -18.15
C GLU B 166 -6.02 -41.18 -18.32
N PRO B 167 -6.39 -41.79 -19.46
CA PRO B 167 -6.11 -43.22 -19.61
C PRO B 167 -4.62 -43.46 -19.56
N ILE B 168 -3.91 -42.45 -20.04
CA ILE B 168 -2.47 -42.45 -20.12
C ILE B 168 -1.89 -42.41 -18.71
N ILE B 169 -2.35 -41.45 -17.93
CA ILE B 169 -1.99 -41.33 -16.53
C ILE B 169 -2.31 -42.60 -15.75
N ASP B 170 -3.55 -43.01 -15.89
CA ASP B 170 -4.06 -44.19 -15.22
C ASP B 170 -3.23 -45.42 -15.58
N SER B 171 -2.62 -45.38 -16.76
CA SER B 171 -1.77 -46.49 -17.23
C SER B 171 -0.37 -46.43 -16.65
N LEU B 172 0.27 -45.29 -16.87
CA LEU B 172 1.66 -45.12 -16.50
C LEU B 172 1.83 -45.14 -14.99
N SER B 173 0.77 -44.74 -14.29
CA SER B 173 0.78 -44.72 -12.85
C SER B 173 1.14 -46.08 -12.31
N TYR B 174 0.66 -47.12 -12.97
CA TYR B 174 1.09 -48.47 -12.65
C TYR B 174 2.36 -48.83 -13.40
N ALA B 175 2.28 -48.68 -14.71
CA ALA B 175 3.31 -49.17 -15.63
C ALA B 175 4.68 -48.75 -15.14
N ASN B 176 4.79 -47.48 -14.82
CA ASN B 176 6.07 -46.90 -14.48
C ASN B 176 6.39 -46.93 -12.99
N ALA B 177 5.62 -47.68 -12.22
CA ALA B 177 5.88 -47.78 -10.79
C ALA B 177 7.01 -48.80 -10.51
N ASN B 178 7.65 -48.67 -9.35
CA ASN B 178 8.73 -49.59 -8.92
C ASN B 178 8.23 -50.94 -8.40
N LYS B 179 9.15 -51.85 -8.12
CA LYS B 179 8.81 -53.19 -7.67
C LYS B 179 7.87 -53.20 -6.44
N GLU B 180 8.15 -52.35 -5.45
CA GLU B 180 7.36 -52.32 -4.21
C GLU B 180 5.89 -52.00 -4.37
N CYS B 181 5.61 -50.87 -4.99
CA CYS B 181 4.25 -50.35 -5.05
C CYS B 181 3.45 -51.09 -6.12
N GLN B 182 4.17 -51.64 -7.09
CA GLN B 182 3.52 -52.43 -8.12
C GLN B 182 2.88 -53.62 -7.45
N GLN B 183 3.63 -54.26 -6.57
CA GLN B 183 3.14 -55.42 -5.85
C GLN B 183 1.88 -55.03 -5.09
N ILE B 184 1.85 -53.78 -4.62
CA ILE B 184 0.71 -53.27 -3.87
C ILE B 184 -0.52 -53.00 -4.73
N LEU B 185 -0.36 -52.25 -5.83
CA LEU B 185 -1.47 -51.93 -6.72
C LEU B 185 -2.06 -53.21 -7.31
N GLN B 186 -1.19 -54.18 -7.52
CA GLN B 186 -1.60 -55.52 -7.90
C GLN B 186 -2.44 -56.10 -6.78
N GLY B 187 -2.00 -55.87 -5.54
CA GLY B 187 -2.64 -56.41 -4.36
C GLY B 187 -4.15 -56.19 -4.34
N ARG B 188 -4.60 -55.00 -4.72
CA ARG B 188 -6.03 -54.81 -4.88
C ARG B 188 -6.43 -54.92 -6.33
N GLY B 189 -5.45 -54.98 -7.24
CA GLY B 189 -5.77 -55.14 -8.65
C GLY B 189 -6.40 -53.85 -9.12
N LEU B 190 -5.75 -52.76 -8.77
CA LEU B 190 -6.25 -51.45 -9.13
C LEU B 190 -5.36 -50.98 -10.25
N VAL B 191 -4.71 -51.96 -10.86
CA VAL B 191 -3.70 -51.76 -11.87
C VAL B 191 -4.29 -50.95 -13.01
N ALA B 192 -5.60 -51.09 -13.18
CA ALA B 192 -6.30 -50.40 -14.24
C ALA B 192 -7.10 -49.22 -13.67
N ALA B 193 -7.08 -49.08 -12.35
CA ALA B 193 -7.85 -48.03 -11.69
C ALA B 193 -7.28 -46.66 -12.05
N PRO B 194 -8.14 -45.63 -12.05
CA PRO B 194 -7.69 -44.25 -12.21
C PRO B 194 -6.63 -43.92 -11.18
N VAL B 195 -5.65 -43.10 -11.55
CA VAL B 195 -4.52 -42.81 -10.69
C VAL B 195 -4.97 -42.41 -9.29
N GLY B 196 -6.15 -41.80 -9.21
CA GLY B 196 -6.67 -41.36 -7.93
C GLY B 196 -6.87 -42.46 -6.92
N GLN B 197 -7.22 -43.65 -7.39
CA GLN B 197 -7.43 -44.79 -6.50
C GLN B 197 -6.12 -45.50 -6.21
N LYS B 198 -5.19 -45.37 -7.14
CA LYS B 198 -3.85 -45.93 -6.98
C LYS B 198 -3.07 -45.18 -5.92
N LEU B 199 -3.26 -43.87 -5.89
CA LEU B 199 -2.59 -43.03 -4.91
C LEU B 199 -2.90 -43.41 -3.48
N GLN B 200 -4.18 -43.55 -3.19
CA GLN B 200 -4.65 -43.85 -1.84
C GLN B 200 -4.00 -45.08 -1.25
N ALA B 201 -3.67 -46.03 -2.11
CA ALA B 201 -3.15 -47.31 -1.65
C ALA B 201 -1.71 -47.23 -1.16
N CYS B 202 -0.84 -46.57 -1.92
CA CYS B 202 0.58 -46.60 -1.60
C CYS B 202 0.99 -45.53 -0.59
N ALA B 203 -0.01 -44.86 -0.02
CA ALA B 203 0.24 -43.77 0.92
C ALA B 203 0.91 -44.27 2.20
N HIS B 204 0.88 -45.58 2.42
CA HIS B 204 1.35 -46.15 3.67
C HIS B 204 2.73 -46.77 3.50
N PRO C 1 1.73 13.68 -18.37
CA PRO C 1 0.94 12.47 -18.60
C PRO C 1 -0.43 12.77 -19.22
N ILE C 2 -0.80 11.97 -20.22
CA ILE C 2 -2.07 12.13 -20.93
C ILE C 2 -3.08 11.00 -20.64
N ILE C 3 -4.33 11.38 -20.36
CA ILE C 3 -5.37 10.40 -20.06
C ILE C 3 -6.24 10.19 -21.29
N SER C 4 -6.41 8.93 -21.67
CA SER C 4 -7.22 8.59 -22.83
C SER C 4 -8.65 8.18 -22.56
N GLU C 5 -9.56 8.93 -23.15
CA GLU C 5 -10.96 8.56 -23.22
C GLU C 5 -11.42 8.91 -24.63
N GLY C 6 -12.02 7.94 -25.32
CA GLY C 6 -12.56 8.13 -26.67
C GLY C 6 -13.03 9.52 -27.06
N ASN C 9 -8.82 12.34 -24.34
CA ASN C 9 -7.42 12.73 -24.42
C ASN C 9 -7.17 14.09 -23.77
N ARG C 10 -6.96 14.04 -22.45
CA ARG C 10 -6.79 15.22 -21.61
C ARG C 10 -5.41 15.12 -20.95
N HIS C 11 -4.70 16.23 -20.81
CA HIS C 11 -3.41 16.22 -20.09
C HIS C 11 -3.66 16.29 -18.60
N ARG C 12 -2.90 15.54 -17.82
CA ARG C 12 -2.91 15.69 -16.36
C ARG C 12 -1.47 15.71 -15.85
N ALA C 13 -1.25 16.40 -14.74
CA ALA C 13 0.08 16.51 -14.14
C ALA C 13 0.51 15.22 -13.45
N TRP C 14 1.79 15.17 -13.10
CA TRP C 14 2.36 14.01 -12.46
C TRP C 14 1.74 13.72 -11.11
N ALA C 15 1.71 12.45 -10.74
CA ALA C 15 1.54 12.10 -9.35
C ALA C 15 2.95 11.90 -8.79
N LEU C 16 3.22 12.46 -7.62
CA LEU C 16 4.51 12.32 -6.98
C LEU C 16 4.92 10.86 -6.81
N ARG C 17 3.96 10.02 -6.42
CA ARG C 17 4.17 8.57 -6.28
C ARG C 17 4.70 7.99 -7.58
N GLU C 18 4.11 8.41 -8.68
CA GLU C 18 4.55 7.96 -10.00
C GLU C 18 6.04 8.17 -10.17
N LEU C 19 6.49 9.38 -9.88
CA LEU C 19 7.89 9.73 -10.04
C LEU C 19 8.78 8.95 -9.08
N GLN C 20 8.33 8.83 -7.84
CA GLN C 20 9.09 8.15 -6.81
C GLN C 20 9.29 6.69 -7.21
N ASP C 21 8.27 6.12 -7.82
CA ASP C 21 8.31 4.72 -8.24
C ASP C 21 9.49 4.60 -9.17
N ILE C 22 9.48 5.51 -10.13
CA ILE C 22 10.47 5.58 -11.17
C ILE C 22 11.85 5.79 -10.62
N LYS C 23 11.98 6.80 -9.77
CA LYS C 23 13.27 7.05 -9.15
C LYS C 23 13.76 5.82 -8.38
N LYS C 24 12.93 5.26 -7.49
CA LYS C 24 13.40 4.13 -6.69
C LYS C 24 13.85 2.98 -7.56
N GLU C 25 13.09 2.67 -8.60
CA GLU C 25 13.46 1.56 -9.46
C GLU C 25 14.80 1.85 -10.15
N ILE C 26 14.96 3.09 -10.59
CA ILE C 26 16.09 3.53 -11.38
C ILE C 26 17.27 3.89 -10.46
N GLU C 27 16.97 3.97 -9.16
CA GLU C 27 17.88 4.48 -8.13
C GLU C 27 19.35 4.08 -8.31
N ASN C 28 19.61 2.81 -8.57
CA ASN C 28 20.99 2.34 -8.60
C ASN C 28 21.62 2.13 -9.98
N LYS C 29 21.12 2.81 -11.00
CA LYS C 29 21.67 2.63 -12.35
C LYS C 29 22.51 3.79 -12.86
N ALA C 30 23.47 3.47 -13.72
CA ALA C 30 24.37 4.48 -14.24
C ALA C 30 23.64 5.18 -15.35
N PRO C 31 23.87 6.48 -15.48
CA PRO C 31 23.23 7.30 -16.51
C PRO C 31 23.48 6.76 -17.90
N GLY C 32 22.42 6.41 -18.62
CA GLY C 32 22.55 5.86 -19.96
C GLY C 32 22.71 4.35 -20.05
N SER C 33 22.81 3.68 -18.91
CA SER C 33 22.96 2.23 -18.88
C SER C 33 21.70 1.63 -19.45
N GLN C 34 21.78 0.44 -19.99
CA GLN C 34 20.61 -0.08 -20.66
C GLN C 34 19.44 -0.12 -19.69
N VAL C 35 19.68 -0.57 -18.48
CA VAL C 35 18.60 -0.64 -17.49
C VAL C 35 17.96 0.71 -17.29
N TRP C 36 18.82 1.71 -17.18
CA TRP C 36 18.43 3.10 -17.12
C TRP C 36 17.52 3.35 -18.30
N ILE C 37 18.02 3.05 -19.49
CA ILE C 37 17.28 3.31 -20.72
C ILE C 37 15.98 2.51 -20.71
N GLN C 38 16.06 1.27 -20.26
CA GLN C 38 14.87 0.42 -20.24
C GLN C 38 13.84 0.92 -19.27
N THR C 39 14.35 1.35 -18.13
CA THR C 39 13.50 1.87 -17.08
C THR C 39 12.70 3.04 -17.63
N LEU C 40 13.36 3.86 -18.44
CA LEU C 40 12.72 5.04 -19.00
C LEU C 40 11.72 4.72 -20.07
N ARG C 41 12.06 3.76 -20.92
CA ARG C 41 11.22 3.43 -22.05
C ARG C 41 9.82 3.03 -21.60
N LEU C 42 9.75 2.29 -20.50
CA LEU C 42 8.46 1.85 -19.97
C LEU C 42 7.63 2.98 -19.45
N ALA C 43 8.28 3.88 -18.71
CA ALA C 43 7.61 5.02 -18.11
C ALA C 43 6.84 5.83 -19.15
N ILE C 44 7.49 6.03 -20.28
CA ILE C 44 6.92 6.76 -21.40
C ILE C 44 5.64 6.10 -21.84
N LEU C 45 5.69 4.78 -21.89
CA LEU C 45 4.57 3.96 -22.30
C LEU C 45 3.41 4.09 -21.34
N GLN C 46 3.73 4.15 -20.06
CA GLN C 46 2.69 4.25 -19.05
C GLN C 46 1.97 5.60 -19.09
N ALA C 47 2.74 6.67 -19.27
CA ALA C 47 2.19 8.01 -19.12
C ALA C 47 1.83 8.73 -20.43
N ASP C 48 2.65 8.53 -21.47
CA ASP C 48 2.63 9.34 -22.69
C ASP C 48 2.77 10.82 -22.34
N PRO C 49 3.94 11.21 -21.81
CA PRO C 49 4.21 12.55 -21.28
C PRO C 49 4.62 13.58 -22.32
N THR C 50 4.32 14.84 -22.05
CA THR C 50 4.64 15.93 -22.95
C THR C 50 6.09 16.37 -22.78
N PRO C 51 6.63 17.10 -23.78
CA PRO C 51 8.00 17.59 -23.69
C PRO C 51 8.27 18.32 -22.39
N ALA C 52 7.28 19.05 -21.93
CA ALA C 52 7.35 19.76 -20.68
C ALA C 52 7.52 18.77 -19.56
N ASP C 53 6.69 17.73 -19.57
CA ASP C 53 6.71 16.72 -18.54
C ASP C 53 8.07 16.06 -18.45
N LEU C 54 8.67 15.85 -19.61
CA LEU C 54 9.96 15.18 -19.69
C LEU C 54 11.04 16.05 -19.10
N GLU C 55 10.96 17.33 -19.41
CA GLU C 55 11.91 18.30 -18.91
C GLU C 55 11.82 18.25 -17.39
N GLN C 56 10.59 18.11 -16.87
CA GLN C 56 10.42 17.90 -15.43
C GLN C 56 11.11 16.63 -14.98
N LEU C 57 10.98 15.61 -15.81
CA LEU C 57 11.57 14.33 -15.50
C LEU C 57 13.10 14.37 -15.35
N CYS C 58 13.80 15.06 -16.25
CA CYS C 58 15.24 15.18 -16.14
C CYS C 58 15.68 15.61 -14.74
N GLN C 59 14.94 16.55 -14.18
CA GLN C 59 15.37 17.15 -12.93
C GLN C 59 15.21 16.21 -11.76
N TYR C 60 14.23 15.31 -11.83
CA TYR C 60 13.94 14.43 -10.71
C TYR C 60 14.99 13.36 -10.58
N ILE C 61 15.52 12.96 -11.73
CA ILE C 61 16.41 11.82 -11.79
C ILE C 61 17.87 12.19 -12.03
N ALA C 62 18.10 13.34 -12.63
CA ALA C 62 19.45 13.67 -13.07
C ALA C 62 20.04 14.92 -12.38
N SER C 63 21.34 14.85 -12.13
CA SER C 63 22.11 15.96 -11.61
C SER C 63 22.15 17.02 -12.69
N PRO C 64 22.23 18.30 -12.29
CA PRO C 64 22.18 19.47 -13.18
C PRO C 64 23.10 19.42 -14.40
N VAL C 65 24.27 18.81 -14.27
CA VAL C 65 25.17 18.67 -15.41
C VAL C 65 24.56 17.79 -16.49
N ASP C 66 24.04 16.64 -16.07
CA ASP C 66 23.49 15.67 -17.00
C ASP C 66 22.27 16.21 -17.76
N GLN C 67 21.49 17.08 -17.11
CA GLN C 67 20.35 17.72 -17.74
C GLN C 67 20.72 18.56 -18.96
N THR C 68 21.77 19.36 -18.79
CA THR C 68 22.27 20.23 -19.85
C THR C 68 22.84 19.41 -20.99
N ALA C 69 23.67 18.45 -20.61
CA ALA C 69 24.28 17.53 -21.56
C ALA C 69 23.17 16.84 -22.34
N HIS C 70 22.09 16.55 -21.65
CA HIS C 70 20.92 15.99 -22.30
C HIS C 70 20.23 16.99 -23.22
N MET C 71 19.90 18.15 -22.69
CA MET C 71 19.22 19.20 -23.45
C MET C 71 20.00 19.58 -24.70
N THR C 72 21.32 19.56 -24.56
CA THR C 72 22.21 19.91 -25.66
C THR C 72 22.13 18.89 -26.81
N SER C 73 22.48 17.64 -26.53
CA SER C 73 22.51 16.59 -27.57
C SER C 73 21.11 16.30 -28.09
N LEU C 74 20.13 16.53 -27.24
CA LEU C 74 18.74 16.34 -27.63
C LEU C 74 18.41 17.26 -28.77
N THR C 75 18.53 18.56 -28.51
CA THR C 75 18.18 19.54 -29.49
C THR C 75 19.02 19.31 -30.74
N ALA C 76 20.20 18.72 -30.58
CA ALA C 76 21.06 18.37 -31.70
C ALA C 76 20.49 17.24 -32.55
N ALA C 77 20.09 16.16 -31.90
CA ALA C 77 19.53 15.01 -32.57
C ALA C 77 18.26 15.41 -33.30
N ILE C 78 17.55 16.35 -32.70
CA ILE C 78 16.36 16.92 -33.29
C ILE C 78 16.76 17.52 -34.63
N ALA C 79 17.80 18.34 -34.61
CA ALA C 79 18.29 18.98 -35.83
C ALA C 79 18.74 17.93 -36.85
N ALA C 80 19.48 16.93 -36.40
CA ALA C 80 19.96 15.87 -37.27
C ALA C 80 18.83 15.07 -37.90
N ALA C 81 17.80 14.77 -37.13
CA ALA C 81 16.67 14.03 -37.66
C ALA C 81 15.84 14.81 -38.67
N GLU C 82 15.56 16.07 -38.36
CA GLU C 82 14.74 16.89 -39.23
C GLU C 82 15.42 17.02 -40.57
N ALA C 83 16.72 17.30 -40.53
CA ALA C 83 17.52 17.44 -41.73
C ALA C 83 17.39 16.16 -42.54
N ALA C 84 17.37 15.03 -41.85
CA ALA C 84 17.29 13.73 -42.50
C ALA C 84 15.87 13.38 -42.94
N ASN C 85 14.90 14.21 -42.54
CA ASN C 85 13.50 13.95 -42.83
C ASN C 85 13.08 12.55 -42.40
N THR C 86 13.65 12.09 -41.29
CA THR C 86 13.29 10.81 -40.71
C THR C 86 12.13 11.10 -39.83
N LEU C 87 11.77 12.38 -39.75
CA LEU C 87 10.64 12.80 -38.94
C LEU C 87 9.35 12.59 -39.71
N GLN C 88 8.64 11.54 -39.34
CA GLN C 88 7.47 11.14 -40.10
C GLN C 88 6.27 11.99 -39.72
N GLY C 89 5.81 12.83 -40.63
CA GLY C 89 4.57 13.55 -40.41
C GLY C 89 4.82 14.93 -39.83
N PHE C 90 6.09 15.30 -39.74
CA PHE C 90 6.48 16.57 -39.13
C PHE C 90 6.31 17.78 -40.04
N ASN C 91 5.48 18.74 -39.62
CA ASN C 91 5.39 20.01 -40.33
C ASN C 91 5.94 21.20 -39.54
N PRO C 92 7.12 21.70 -39.92
CA PRO C 92 7.86 22.79 -39.27
C PRO C 92 7.13 24.14 -39.15
N GLN C 93 6.11 24.37 -39.96
CA GLN C 93 5.44 25.69 -39.99
C GLN C 93 4.61 26.01 -38.76
N ASN C 94 4.22 24.96 -38.05
CA ASN C 94 3.30 25.10 -36.93
C ASN C 94 3.99 25.12 -35.55
N GLY C 95 5.31 25.26 -35.56
CA GLY C 95 6.10 25.29 -34.34
C GLY C 95 7.12 24.18 -34.30
N THR C 96 7.98 24.17 -33.29
CA THR C 96 9.01 23.16 -33.20
C THR C 96 8.39 21.83 -32.82
N LEU C 97 9.18 20.78 -32.95
CA LEU C 97 8.74 19.46 -32.53
C LEU C 97 8.35 19.50 -31.06
N THR C 98 9.12 20.25 -30.28
CA THR C 98 8.85 20.38 -28.85
C THR C 98 7.47 20.99 -28.63
N GLN C 99 7.03 21.80 -29.58
CA GLN C 99 5.78 22.53 -29.45
C GLN C 99 4.53 21.76 -29.86
N GLN C 100 4.55 21.16 -31.04
CA GLN C 100 3.35 20.52 -31.57
C GLN C 100 3.01 19.29 -30.76
N SER C 101 4.07 18.58 -30.40
CA SER C 101 3.95 17.29 -29.76
C SER C 101 3.47 17.42 -28.32
N ALA C 102 3.37 18.66 -27.83
CA ALA C 102 2.85 18.88 -26.50
C ALA C 102 1.32 18.68 -26.49
N GLN C 103 0.73 18.70 -27.69
CA GLN C 103 -0.71 18.47 -27.88
C GLN C 103 -1.12 17.00 -27.79
N PRO C 104 -2.18 16.68 -27.00
CA PRO C 104 -2.67 15.29 -26.82
C PRO C 104 -2.96 14.53 -28.11
N ASN C 105 -3.49 15.21 -29.11
CA ASN C 105 -3.85 14.58 -30.37
C ASN C 105 -2.63 14.36 -31.27
N ALA C 106 -1.53 15.06 -30.95
CA ALA C 106 -0.30 14.98 -31.74
C ALA C 106 0.55 13.83 -31.23
N GLY C 107 -0.06 12.66 -31.17
CA GLY C 107 0.57 11.50 -30.58
C GLY C 107 1.68 10.95 -31.43
N ASP C 108 1.51 11.01 -32.74
CA ASP C 108 2.49 10.44 -33.65
C ASP C 108 3.81 11.16 -33.49
N LEU C 109 3.72 12.48 -33.44
CA LEU C 109 4.90 13.34 -33.39
C LEU C 109 5.55 13.32 -32.01
N ARG C 110 4.73 13.38 -30.97
CA ARG C 110 5.22 13.30 -29.61
C ARG C 110 5.94 11.99 -29.44
N SER C 111 5.36 10.95 -30.03
CA SER C 111 5.95 9.62 -30.02
C SER C 111 7.31 9.68 -30.65
N GLN C 112 7.42 10.46 -31.71
CA GLN C 112 8.71 10.62 -32.35
C GLN C 112 9.60 11.39 -31.38
N TYR C 113 9.04 12.41 -30.72
CA TYR C 113 9.78 13.18 -29.72
C TYR C 113 10.30 12.31 -28.59
N GLN C 114 9.41 11.51 -28.03
CA GLN C 114 9.74 10.69 -26.88
C GLN C 114 10.97 9.80 -27.08
N ASN C 115 11.08 9.22 -28.27
CA ASN C 115 12.18 8.32 -28.59
C ASN C 115 13.54 8.98 -28.51
N LEU C 116 13.64 10.15 -29.12
CA LEU C 116 14.88 10.89 -29.18
C LEU C 116 15.37 11.26 -27.80
N TRP C 117 14.41 11.62 -26.97
CA TRP C 117 14.65 12.04 -25.60
C TRP C 117 15.42 10.91 -24.91
N LEU C 118 15.00 9.69 -25.20
CA LEU C 118 15.64 8.49 -24.69
C LEU C 118 17.03 8.36 -25.23
N GLN C 119 17.14 8.47 -26.54
CA GLN C 119 18.40 8.28 -27.25
C GLN C 119 19.45 9.25 -26.76
N ALA C 120 19.03 10.45 -26.39
CA ALA C 120 19.97 11.46 -25.97
C ALA C 120 20.71 11.06 -24.69
N TRP C 121 20.13 10.14 -23.93
CA TRP C 121 20.82 9.70 -22.73
C TRP C 121 21.89 8.70 -23.14
N LYS C 122 21.73 8.16 -24.35
CA LYS C 122 22.69 7.22 -24.89
C LYS C 122 23.88 8.07 -25.33
N ASN C 123 23.54 9.19 -25.97
CA ASN C 123 24.51 10.15 -26.45
C ASN C 123 25.07 11.02 -25.36
N LEU C 124 24.73 10.69 -24.11
CA LEU C 124 25.19 11.48 -22.99
C LEU C 124 26.70 11.62 -23.07
N PRO C 125 27.18 12.87 -23.15
CA PRO C 125 28.60 13.26 -23.18
C PRO C 125 29.33 12.96 -21.86
N THR C 126 28.58 12.47 -20.87
CA THR C 126 29.14 12.05 -19.61
C THR C 126 29.53 10.58 -19.62
N VAL C 130 28.18 -0.12 -24.74
CA VAL C 130 28.26 1.05 -25.60
C VAL C 130 29.05 0.76 -26.86
N GLN C 131 29.77 -0.36 -26.85
CA GLN C 131 30.70 -0.71 -27.92
C GLN C 131 30.07 -0.66 -29.31
N PRO C 132 30.74 0.03 -30.25
CA PRO C 132 30.17 0.24 -31.58
C PRO C 132 29.97 -1.12 -32.20
N TRP C 133 28.75 -1.41 -32.63
CA TRP C 133 28.44 -2.77 -33.00
C TRP C 133 29.29 -3.37 -34.10
N SER C 134 29.78 -2.58 -35.04
CA SER C 134 30.55 -3.18 -36.09
C SER C 134 31.93 -3.57 -35.60
N THR C 135 32.31 -3.08 -34.42
CA THR C 135 33.59 -3.44 -33.84
C THR C 135 33.52 -4.71 -33.03
N ILE C 136 32.30 -5.16 -32.74
CA ILE C 136 32.12 -6.31 -31.90
C ILE C 136 32.54 -7.56 -32.65
N VAL C 137 33.47 -8.30 -32.08
CA VAL C 137 33.99 -9.48 -32.75
C VAL C 137 34.16 -10.59 -31.72
N GLN C 138 34.24 -11.85 -32.15
CA GLN C 138 34.46 -12.92 -31.19
C GLN C 138 35.96 -13.10 -30.93
N GLY C 139 36.32 -12.97 -29.66
CA GLY C 139 37.69 -13.10 -29.23
C GLY C 139 38.16 -14.51 -29.46
N PRO C 140 39.47 -14.74 -29.36
CA PRO C 140 40.03 -16.08 -29.57
C PRO C 140 39.43 -17.09 -28.61
N ALA C 141 38.96 -16.59 -27.47
CA ALA C 141 38.44 -17.42 -26.38
C ALA C 141 37.03 -17.05 -25.89
N GLU C 142 36.25 -16.31 -26.67
CA GLU C 142 34.92 -15.92 -26.19
C GLU C 142 33.82 -16.92 -26.53
N SER C 143 32.98 -17.22 -25.55
CA SER C 143 31.84 -18.11 -25.75
C SER C 143 30.92 -17.48 -26.77
N TYR C 144 30.35 -18.32 -27.62
CA TYR C 144 29.47 -17.84 -28.66
C TYR C 144 28.30 -17.01 -28.12
N VAL C 145 27.67 -17.49 -27.05
CA VAL C 145 26.47 -16.86 -26.51
C VAL C 145 26.69 -15.41 -26.10
N GLU C 146 27.85 -15.15 -25.53
CA GLU C 146 28.23 -13.82 -25.11
C GLU C 146 28.53 -12.87 -26.28
N PHE C 147 29.17 -13.41 -27.30
CA PHE C 147 29.47 -12.67 -28.52
C PHE C 147 28.17 -12.11 -29.08
N VAL C 148 27.18 -12.97 -29.18
CA VAL C 148 25.87 -12.58 -29.67
C VAL C 148 25.23 -11.51 -28.82
N ASN C 149 25.42 -11.66 -27.53
CA ASN C 149 24.85 -10.77 -26.56
C ASN C 149 25.38 -9.35 -26.76
N ARG C 150 26.71 -9.23 -26.69
CA ARG C 150 27.37 -7.95 -26.92
C ARG C 150 26.87 -7.37 -28.20
N LEU C 151 26.71 -8.25 -29.17
CA LEU C 151 26.24 -7.89 -30.48
C LEU C 151 24.87 -7.23 -30.36
N GLN C 152 23.92 -7.93 -29.76
CA GLN C 152 22.57 -7.42 -29.73
C GLN C 152 22.43 -6.15 -28.94
N ILE C 153 23.23 -6.03 -27.89
CA ILE C 153 23.29 -4.82 -27.09
C ILE C 153 23.75 -3.65 -27.94
N SER C 154 24.91 -3.86 -28.55
CA SER C 154 25.57 -2.86 -29.34
C SER C 154 24.64 -2.41 -30.44
N LEU C 155 23.88 -3.36 -30.97
CA LEU C 155 22.92 -3.07 -32.01
C LEU C 155 21.74 -2.22 -31.57
N ALA C 156 21.09 -2.65 -30.48
CA ALA C 156 19.91 -1.97 -29.97
C ALA C 156 20.30 -0.60 -29.53
N ASP C 157 21.56 -0.50 -29.12
CA ASP C 157 22.14 0.75 -28.73
C ASP C 157 22.41 1.56 -30.00
N ASN C 158 23.15 0.97 -30.95
CA ASN C 158 23.65 1.72 -32.09
C ASN C 158 22.97 1.54 -33.47
N LEU C 159 21.86 0.83 -33.58
CA LEU C 159 21.27 0.65 -34.91
C LEU C 159 20.54 1.89 -35.43
N PRO C 160 20.84 2.28 -36.68
CA PRO C 160 20.16 3.38 -37.36
C PRO C 160 18.72 3.04 -37.68
N ASP C 161 17.84 4.02 -37.61
CA ASP C 161 16.42 3.76 -37.84
C ASP C 161 16.12 3.42 -39.30
N GLY C 162 14.97 2.79 -39.52
CA GLY C 162 14.54 2.41 -40.86
C GLY C 162 15.29 1.19 -41.36
N VAL C 163 16.25 0.76 -40.56
CA VAL C 163 17.10 -0.34 -40.91
C VAL C 163 16.64 -1.59 -40.16
N PRO C 164 16.19 -2.62 -40.90
CA PRO C 164 15.74 -3.86 -40.27
C PRO C 164 16.92 -4.63 -39.71
N LYS C 165 16.78 -5.07 -38.47
CA LYS C 165 17.86 -5.70 -37.72
C LYS C 165 18.08 -7.11 -38.18
N GLU C 166 16.98 -7.75 -38.52
CA GLU C 166 16.95 -9.15 -38.79
C GLU C 166 18.04 -9.53 -39.77
N PRO C 167 18.02 -8.98 -41.00
CA PRO C 167 19.05 -9.48 -41.92
C PRO C 167 20.45 -9.22 -41.39
N ILE C 168 20.60 -8.11 -40.67
CA ILE C 168 21.87 -7.68 -40.13
C ILE C 168 22.35 -8.64 -39.08
N ILE C 169 21.47 -8.89 -38.13
CA ILE C 169 21.71 -9.88 -37.11
C ILE C 169 22.10 -11.17 -37.78
N ASP C 170 21.25 -11.58 -38.71
CA ASP C 170 21.41 -12.82 -39.45
C ASP C 170 22.73 -12.89 -40.20
N SER C 171 23.22 -11.75 -40.63
CA SER C 171 24.45 -11.77 -41.41
C SER C 171 25.71 -11.82 -40.57
N LEU C 172 25.88 -10.85 -39.69
CA LEU C 172 27.12 -10.70 -38.96
C LEU C 172 27.40 -11.80 -37.98
N SER C 173 26.33 -12.43 -37.51
CA SER C 173 26.43 -13.52 -36.55
C SER C 173 27.43 -14.57 -36.99
N TYR C 174 27.52 -14.80 -38.28
CA TYR C 174 28.55 -15.69 -38.82
C TYR C 174 29.85 -14.95 -39.05
N ALA C 175 29.74 -13.87 -39.79
CA ALA C 175 30.89 -13.14 -40.27
C ALA C 175 31.89 -12.84 -39.17
N ASN C 176 31.40 -12.37 -38.04
CA ASN C 176 32.30 -11.87 -37.01
C ASN C 176 32.75 -12.94 -36.02
N ALA C 177 32.50 -14.20 -36.33
CA ALA C 177 32.92 -15.29 -35.44
C ALA C 177 34.39 -15.60 -35.65
N ASN C 178 35.04 -16.21 -34.65
CA ASN C 178 36.45 -16.56 -34.81
C ASN C 178 36.61 -17.76 -35.73
N LYS C 179 37.86 -18.03 -36.08
CA LYS C 179 38.20 -19.13 -36.96
C LYS C 179 37.60 -20.42 -36.40
N GLU C 180 37.73 -20.58 -35.08
CA GLU C 180 37.28 -21.78 -34.38
C GLU C 180 35.78 -22.05 -34.52
N CYS C 181 34.97 -21.02 -34.25
CA CYS C 181 33.53 -21.20 -34.27
C CYS C 181 32.99 -21.14 -35.71
N GLN C 182 33.73 -20.50 -36.60
CA GLN C 182 33.35 -20.43 -38.00
C GLN C 182 33.35 -21.84 -38.59
N GLN C 183 34.37 -22.64 -38.28
CA GLN C 183 34.43 -24.04 -38.74
C GLN C 183 33.21 -24.81 -38.29
N ILE C 184 32.73 -24.45 -37.12
CA ILE C 184 31.57 -25.13 -36.56
C ILE C 184 30.35 -24.71 -37.38
N LEU C 185 30.19 -23.40 -37.57
CA LEU C 185 29.09 -22.85 -38.36
C LEU C 185 29.13 -23.33 -39.79
N GLN C 186 30.34 -23.43 -40.31
CA GLN C 186 30.57 -24.01 -41.63
C GLN C 186 30.16 -25.48 -41.53
N GLY C 187 30.61 -26.13 -40.45
CA GLY C 187 30.39 -27.54 -40.26
C GLY C 187 28.95 -27.99 -40.43
N ARG C 188 28.01 -27.21 -39.90
CA ARG C 188 26.61 -27.57 -40.06
C ARG C 188 25.90 -26.76 -41.15
N GLY C 189 26.55 -25.71 -41.63
CA GLY C 189 25.99 -24.90 -42.70
C GLY C 189 24.83 -23.97 -42.37
N LEU C 190 24.97 -23.13 -41.36
CA LEU C 190 23.86 -22.24 -40.99
C LEU C 190 24.04 -20.76 -41.29
N VAL C 191 25.00 -20.43 -42.15
CA VAL C 191 25.42 -19.05 -42.35
C VAL C 191 24.26 -18.12 -42.73
N ALA C 192 23.21 -18.67 -43.32
CA ALA C 192 22.09 -17.86 -43.73
C ALA C 192 20.88 -18.00 -42.80
N ALA C 193 20.97 -18.91 -41.84
CA ALA C 193 19.85 -19.21 -40.95
C ALA C 193 19.47 -18.05 -40.05
N PRO C 194 18.18 -17.97 -39.65
CA PRO C 194 17.83 -17.03 -38.60
C PRO C 194 18.71 -17.30 -37.41
N VAL C 195 19.17 -16.23 -36.78
CA VAL C 195 20.17 -16.31 -35.73
C VAL C 195 19.81 -17.32 -34.66
N GLY C 196 18.52 -17.47 -34.38
CA GLY C 196 18.06 -18.36 -33.32
C GLY C 196 18.54 -19.77 -33.58
N GLN C 197 18.70 -20.13 -34.85
CA GLN C 197 19.15 -21.46 -35.19
C GLN C 197 20.67 -21.52 -35.06
N LYS C 198 21.33 -20.38 -35.20
CA LYS C 198 22.78 -20.30 -35.06
C LYS C 198 23.27 -20.51 -33.61
N LEU C 199 22.54 -19.99 -32.63
CA LEU C 199 22.86 -20.15 -31.21
C LEU C 199 22.87 -21.62 -30.73
N GLN C 200 21.86 -22.37 -31.17
CA GLN C 200 21.62 -23.76 -30.82
C GLN C 200 22.85 -24.65 -31.03
N ALA C 201 23.56 -24.38 -32.12
CA ALA C 201 24.67 -25.21 -32.50
C ALA C 201 25.94 -24.99 -31.69
N CYS C 202 26.30 -23.74 -31.49
CA CYS C 202 27.61 -23.45 -30.91
C CYS C 202 27.56 -23.54 -29.41
N ALA C 203 26.42 -23.97 -28.88
CA ALA C 203 26.28 -24.16 -27.45
C ALA C 203 27.20 -25.32 -27.06
N HIS C 204 27.64 -26.05 -28.08
CA HIS C 204 28.39 -27.27 -27.90
C HIS C 204 29.87 -27.05 -28.14
N PRO D 1 -6.39 20.90 -1.77
CA PRO D 1 -6.43 20.60 -3.19
C PRO D 1 -7.81 20.85 -3.80
N ILE D 2 -7.81 21.38 -5.03
CA ILE D 2 -9.03 21.60 -5.75
C ILE D 2 -9.16 20.49 -6.77
N ILE D 3 -10.27 19.75 -6.73
CA ILE D 3 -10.42 18.64 -7.65
C ILE D 3 -11.49 18.92 -8.67
N SER D 4 -11.13 18.81 -9.94
CA SER D 4 -12.15 18.92 -10.96
C SER D 4 -12.85 17.58 -10.94
N GLU D 5 -14.13 17.60 -10.65
CA GLU D 5 -14.87 16.37 -10.73
C GLU D 5 -16.18 16.61 -11.44
N GLY D 6 -16.35 16.00 -12.61
CA GLY D 6 -17.58 16.12 -13.36
C GLY D 6 -17.95 17.58 -13.51
N ASN D 7 -16.99 18.39 -13.97
CA ASN D 7 -17.21 19.80 -14.27
C ASN D 7 -17.43 20.63 -13.02
N ARG D 8 -17.38 20.00 -11.86
CA ARG D 8 -17.41 20.75 -10.63
C ARG D 8 -15.99 21.17 -10.34
N ASN D 9 -15.85 22.33 -9.74
CA ASN D 9 -14.58 22.74 -9.19
C ASN D 9 -14.80 22.59 -7.71
N ARG D 10 -14.28 21.51 -7.15
CA ARG D 10 -14.49 21.22 -5.75
C ARG D 10 -13.20 21.16 -5.00
N HIS D 11 -13.22 21.79 -3.83
CA HIS D 11 -12.07 21.75 -2.97
C HIS D 11 -12.09 20.41 -2.31
N ARG D 12 -10.90 19.86 -2.09
CA ARG D 12 -10.78 18.64 -1.35
C ARG D 12 -9.75 18.82 -0.27
N ALA D 13 -9.95 18.16 0.85
CA ALA D 13 -9.00 18.23 1.91
C ALA D 13 -7.81 17.39 1.55
N TRP D 14 -6.74 17.62 2.27
CA TRP D 14 -5.54 16.84 2.09
C TRP D 14 -5.78 15.41 2.50
N ALA D 15 -5.01 14.51 1.92
CA ALA D 15 -4.84 13.22 2.54
C ALA D 15 -3.56 13.29 3.34
N LEU D 16 -3.59 12.70 4.52
CA LEU D 16 -2.38 12.55 5.29
C LEU D 16 -1.33 11.89 4.40
N ARG D 17 -1.79 10.85 3.70
CA ARG D 17 -0.98 10.10 2.77
C ARG D 17 -0.32 11.08 1.82
N GLU D 18 -1.12 12.01 1.29
CA GLU D 18 -0.65 13.10 0.44
C GLU D 18 0.42 13.94 1.12
N LEU D 19 0.16 14.31 2.36
CA LEU D 19 1.12 15.10 3.11
C LEU D 19 2.37 14.34 3.47
N GLN D 20 2.19 13.09 3.90
CA GLN D 20 3.31 12.30 4.36
C GLN D 20 4.34 12.10 3.27
N ASP D 21 3.84 11.86 2.07
CA ASP D 21 4.66 11.55 0.91
C ASP D 21 5.58 12.69 0.53
N ILE D 22 5.01 13.87 0.48
CA ILE D 22 5.73 15.07 0.12
C ILE D 22 6.86 15.33 1.10
N LYS D 23 6.56 15.24 2.39
CA LYS D 23 7.58 15.30 3.43
C LYS D 23 8.66 14.26 3.16
N LYS D 24 8.23 13.01 2.98
CA LYS D 24 9.15 11.89 2.79
C LYS D 24 10.08 12.18 1.64
N GLU D 25 9.51 12.72 0.57
CA GLU D 25 10.29 13.05 -0.60
C GLU D 25 11.25 14.19 -0.31
N ILE D 26 10.75 15.22 0.35
CA ILE D 26 11.53 16.42 0.57
C ILE D 26 12.39 16.36 1.83
N GLU D 27 12.11 15.39 2.70
CA GLU D 27 12.71 15.31 4.03
C GLU D 27 14.17 15.72 4.14
N ASN D 28 14.97 15.24 3.21
CA ASN D 28 16.41 15.39 3.28
C ASN D 28 16.93 16.53 2.40
N LYS D 29 16.07 17.51 2.15
CA LYS D 29 16.41 18.65 1.31
C LYS D 29 16.66 19.92 2.13
N ALA D 30 17.50 20.81 1.60
CA ALA D 30 17.76 22.09 2.28
C ALA D 30 16.68 23.08 1.84
N PRO D 31 16.14 23.84 2.81
CA PRO D 31 15.06 24.81 2.63
C PRO D 31 15.29 25.96 1.64
N GLY D 32 14.48 26.04 0.59
CA GLY D 32 14.63 27.11 -0.38
C GLY D 32 15.58 26.80 -1.51
N SER D 33 16.21 25.64 -1.44
CA SER D 33 17.09 25.20 -2.51
C SER D 33 16.31 24.88 -3.77
N GLN D 34 16.97 24.90 -4.91
CA GLN D 34 16.29 24.69 -6.18
C GLN D 34 15.56 23.38 -6.14
N VAL D 35 16.26 22.35 -5.70
CA VAL D 35 15.68 21.03 -5.57
C VAL D 35 14.51 21.04 -4.62
N TRP D 36 14.68 21.73 -3.51
CA TRP D 36 13.59 21.95 -2.55
C TRP D 36 12.39 22.60 -3.24
N ILE D 37 12.64 23.75 -3.86
CA ILE D 37 11.62 24.54 -4.54
C ILE D 37 10.99 23.78 -5.69
N GLN D 38 11.81 23.05 -6.43
CA GLN D 38 11.32 22.27 -7.56
C GLN D 38 10.40 21.15 -7.08
N THR D 39 10.82 20.54 -5.98
CA THR D 39 10.08 19.46 -5.36
C THR D 39 8.67 19.93 -5.02
N LEU D 40 8.59 21.15 -4.52
CA LEU D 40 7.32 21.73 -4.13
C LEU D 40 6.50 22.03 -5.37
N ARG D 41 7.17 22.53 -6.40
CA ARG D 41 6.51 22.97 -7.61
C ARG D 41 5.69 21.84 -8.18
N LEU D 42 6.22 20.62 -8.06
CA LEU D 42 5.54 19.43 -8.52
C LEU D 42 4.29 19.19 -7.72
N ALA D 43 4.41 19.28 -6.40
CA ALA D 43 3.28 19.06 -5.52
C ALA D 43 2.13 19.99 -5.87
N ILE D 44 2.47 21.25 -6.04
CA ILE D 44 1.49 22.28 -6.37
C ILE D 44 0.75 21.97 -7.64
N LEU D 45 1.50 21.55 -8.66
CA LEU D 45 0.86 21.24 -9.93
C LEU D 45 -0.08 20.05 -9.78
N GLN D 46 0.27 19.08 -8.94
CA GLN D 46 -0.59 17.90 -8.76
C GLN D 46 -1.91 18.22 -8.05
N ALA D 47 -1.86 19.08 -7.05
CA ALA D 47 -3.01 19.30 -6.20
C ALA D 47 -3.85 20.53 -6.57
N ASP D 48 -3.20 21.60 -7.00
CA ASP D 48 -3.82 22.94 -7.15
C ASP D 48 -4.44 23.40 -5.82
N PRO D 49 -3.60 23.67 -4.82
CA PRO D 49 -3.99 23.98 -3.44
C PRO D 49 -4.33 25.44 -3.15
N THR D 50 -5.22 25.65 -2.17
CA THR D 50 -5.65 26.98 -1.77
C THR D 50 -4.67 27.59 -0.79
N PRO D 51 -4.76 28.91 -0.56
CA PRO D 51 -3.91 29.54 0.45
C PRO D 51 -3.97 28.79 1.76
N ALA D 52 -5.14 28.26 2.07
CA ALA D 52 -5.32 27.49 3.29
C ALA D 52 -4.43 26.25 3.26
N ASP D 53 -4.46 25.51 2.16
CA ASP D 53 -3.67 24.29 2.01
C ASP D 53 -2.21 24.60 2.21
N LEU D 54 -1.82 25.72 1.61
CA LEU D 54 -0.43 26.13 1.53
C LEU D 54 0.19 26.49 2.85
N GLU D 55 -0.54 27.20 3.68
CA GLU D 55 -0.02 27.53 4.98
C GLU D 55 0.22 26.23 5.77
N GLN D 56 -0.71 25.29 5.64
CA GLN D 56 -0.63 24.02 6.33
C GLN D 56 0.67 23.30 6.00
N LEU D 57 1.08 23.45 4.75
CA LEU D 57 2.31 22.86 4.27
C LEU D 57 3.53 23.36 5.03
N CYS D 58 3.60 24.67 5.28
CA CYS D 58 4.69 25.23 6.04
C CYS D 58 4.87 24.43 7.31
N GLN D 59 3.75 24.05 7.89
CA GLN D 59 3.77 23.47 9.20
C GLN D 59 4.29 22.04 9.22
N TYR D 60 4.01 21.26 8.18
CA TYR D 60 4.44 19.87 8.18
C TYR D 60 5.91 19.79 7.73
N ILE D 61 6.32 20.70 6.86
CA ILE D 61 7.62 20.58 6.22
C ILE D 61 8.66 21.51 6.81
N ALA D 62 8.21 22.59 7.45
CA ALA D 62 9.15 23.60 7.90
C ALA D 62 9.09 23.77 9.40
N SER D 63 10.25 24.09 9.96
CA SER D 63 10.37 24.43 11.36
C SER D 63 9.62 25.72 11.63
N PRO D 64 9.08 25.90 12.86
CA PRO D 64 8.25 27.06 13.17
C PRO D 64 8.92 28.36 12.75
N VAL D 65 10.25 28.41 12.83
CA VAL D 65 11.02 29.56 12.39
C VAL D 65 10.93 29.83 10.90
N ASP D 66 11.21 28.80 10.09
CA ASP D 66 11.21 28.96 8.65
C ASP D 66 9.82 29.28 8.10
N GLN D 67 8.79 28.81 8.80
CA GLN D 67 7.41 29.08 8.43
C GLN D 67 7.13 30.59 8.47
N THR D 68 7.57 31.20 9.56
CA THR D 68 7.34 32.61 9.86
C THR D 68 8.07 33.50 8.88
N ALA D 69 9.34 33.18 8.65
CA ALA D 69 10.13 33.91 7.69
C ALA D 69 9.42 33.86 6.35
N HIS D 70 8.82 32.71 6.07
CA HIS D 70 8.09 32.55 4.83
C HIS D 70 6.85 33.42 4.77
N MET D 71 6.01 33.37 5.80
CA MET D 71 4.79 34.18 5.85
C MET D 71 5.13 35.65 5.67
N THR D 72 6.27 36.02 6.22
CA THR D 72 6.76 37.38 6.16
C THR D 72 7.10 37.82 4.75
N SER D 73 8.08 37.16 4.14
CA SER D 73 8.56 37.54 2.82
C SER D 73 7.48 37.41 1.79
N LEU D 74 6.60 36.45 2.05
CA LEU D 74 5.47 36.19 1.19
C LEU D 74 4.56 37.41 1.12
N THR D 75 4.03 37.82 2.27
CA THR D 75 3.10 38.94 2.32
C THR D 75 3.78 40.19 1.75
N ALA D 76 5.11 40.20 1.86
CA ALA D 76 5.90 41.29 1.28
C ALA D 76 5.84 41.26 -0.24
N ALA D 77 6.09 40.08 -0.81
CA ALA D 77 6.05 39.91 -2.27
C ALA D 77 4.66 40.22 -2.82
N ILE D 78 3.63 39.96 -2.01
CA ILE D 78 2.26 40.27 -2.40
C ILE D 78 2.18 41.75 -2.76
N ALA D 79 2.65 42.60 -1.86
CA ALA D 79 2.59 44.04 -2.08
C ALA D 79 3.39 44.50 -3.28
N ALA D 80 4.63 44.04 -3.39
CA ALA D 80 5.50 44.39 -4.51
C ALA D 80 4.88 43.97 -5.82
N ALA D 81 4.22 42.83 -5.80
CA ALA D 81 3.54 42.33 -6.99
C ALA D 81 2.43 43.30 -7.35
N GLU D 82 1.68 43.75 -6.36
CA GLU D 82 0.63 44.72 -6.61
C GLU D 82 1.26 46.00 -7.08
N ALA D 83 2.30 46.40 -6.36
CA ALA D 83 3.02 47.62 -6.68
C ALA D 83 3.61 47.57 -8.08
N ALA D 84 4.22 46.47 -8.46
CA ALA D 84 4.79 46.37 -9.80
C ALA D 84 3.68 46.00 -10.76
N ASN D 85 2.52 45.68 -10.18
CA ASN D 85 1.34 45.23 -10.89
C ASN D 85 1.72 44.09 -11.80
N THR D 86 2.62 43.24 -11.31
CA THR D 86 3.04 42.09 -12.07
C THR D 86 1.95 41.09 -11.82
N LEU D 87 1.07 41.50 -10.93
CA LEU D 87 -0.09 40.74 -10.55
C LEU D 87 -1.26 41.02 -11.49
N GLN D 88 -1.56 40.05 -12.36
CA GLN D 88 -2.60 40.19 -13.39
C GLN D 88 -4.04 39.89 -12.99
N GLY D 89 -4.90 40.90 -12.94
CA GLY D 89 -6.33 40.67 -12.82
C GLY D 89 -7.04 40.71 -11.47
N PHE D 90 -6.31 41.06 -10.41
CA PHE D 90 -6.85 41.07 -9.06
C PHE D 90 -7.73 42.29 -8.76
N ASN D 91 -8.96 42.08 -8.28
CA ASN D 91 -9.74 43.20 -7.74
C ASN D 91 -9.82 43.13 -6.23
N PRO D 92 -9.04 43.98 -5.55
CA PRO D 92 -8.95 44.02 -4.09
C PRO D 92 -10.27 44.25 -3.38
N GLN D 93 -11.27 44.73 -4.09
CA GLN D 93 -12.56 45.03 -3.50
C GLN D 93 -13.36 43.79 -3.08
N ASN D 94 -13.02 42.64 -3.64
CA ASN D 94 -13.77 41.43 -3.39
C ASN D 94 -13.09 40.61 -2.31
N GLY D 95 -12.11 41.24 -1.65
CA GLY D 95 -11.33 40.63 -0.60
C GLY D 95 -9.86 40.62 -0.94
N THR D 96 -9.00 40.22 -0.02
CA THR D 96 -7.57 40.21 -0.32
C THR D 96 -7.31 39.07 -1.27
N LEU D 97 -6.12 39.06 -1.85
CA LEU D 97 -5.72 37.99 -2.74
C LEU D 97 -5.80 36.67 -2.01
N THR D 98 -5.42 36.68 -0.75
CA THR D 98 -5.45 35.49 0.07
C THR D 98 -6.87 34.94 0.16
N GLN D 99 -7.82 35.86 0.13
CA GLN D 99 -9.23 35.55 0.33
C GLN D 99 -9.92 35.06 -0.93
N GLN D 100 -9.71 35.76 -2.03
CA GLN D 100 -10.39 35.44 -3.28
C GLN D 100 -9.88 34.14 -3.87
N SER D 101 -8.58 33.92 -3.76
CA SER D 101 -7.91 32.79 -4.39
C SER D 101 -8.22 31.44 -3.75
N ALA D 102 -8.92 31.47 -2.62
CA ALA D 102 -9.33 30.24 -1.98
C ALA D 102 -10.52 29.63 -2.74
N GLN D 103 -11.16 30.44 -3.57
CA GLN D 103 -12.32 30.00 -4.34
C GLN D 103 -11.95 29.10 -5.53
N PRO D 104 -12.59 27.92 -5.61
CA PRO D 104 -12.36 26.88 -6.62
C PRO D 104 -12.39 27.37 -8.06
N ASN D 105 -13.27 28.32 -8.38
CA ASN D 105 -13.40 28.81 -9.75
C ASN D 105 -12.27 29.79 -10.09
N ALA D 106 -11.56 30.24 -9.06
CA ALA D 106 -10.49 31.24 -9.19
C ALA D 106 -9.12 30.71 -9.54
N GLY D 107 -8.98 30.04 -10.69
CA GLY D 107 -7.73 29.40 -11.04
C GLY D 107 -6.53 30.26 -11.42
N ASP D 108 -6.77 31.39 -12.06
CA ASP D 108 -5.70 32.27 -12.56
C ASP D 108 -4.86 32.91 -11.48
N LEU D 109 -5.55 33.44 -10.47
CA LEU D 109 -4.92 34.19 -9.40
C LEU D 109 -4.19 33.28 -8.46
N ARG D 110 -4.81 32.14 -8.16
CA ARG D 110 -4.20 31.14 -7.31
C ARG D 110 -2.86 30.70 -7.89
N SER D 111 -2.79 30.63 -9.21
CA SER D 111 -1.56 30.29 -9.91
C SER D 111 -0.44 31.26 -9.57
N GLN D 112 -0.79 32.54 -9.60
CA GLN D 112 0.19 33.59 -9.36
C GLN D 112 0.62 33.49 -7.91
N TYR D 113 -0.37 33.23 -7.05
CA TYR D 113 -0.17 33.04 -5.61
C TYR D 113 0.81 31.91 -5.34
N GLN D 114 0.51 30.76 -5.92
CA GLN D 114 1.34 29.59 -5.72
C GLN D 114 2.75 29.96 -6.13
N ASN D 115 2.85 30.70 -7.23
CA ASN D 115 4.13 31.09 -7.78
C ASN D 115 4.90 31.93 -6.79
N LEU D 116 4.23 32.92 -6.24
CA LEU D 116 4.87 33.79 -5.28
C LEU D 116 5.24 32.95 -4.07
N TRP D 117 4.33 32.04 -3.74
CA TRP D 117 4.49 31.18 -2.58
C TRP D 117 5.80 30.40 -2.76
N LEU D 118 6.04 29.96 -3.97
CA LEU D 118 7.28 29.25 -4.27
C LEU D 118 8.50 30.13 -4.15
N GLN D 119 8.45 31.28 -4.80
CA GLN D 119 9.58 32.21 -4.86
C GLN D 119 9.99 32.61 -3.49
N ALA D 120 9.01 32.63 -2.60
CA ALA D 120 9.23 33.06 -1.22
C ALA D 120 10.27 32.21 -0.52
N TRP D 121 10.56 31.03 -1.05
CA TRP D 121 11.57 30.19 -0.44
C TRP D 121 12.99 30.59 -0.81
N LYS D 122 13.16 31.46 -1.80
CA LYS D 122 14.49 31.89 -2.20
C LYS D 122 15.13 32.87 -1.21
N ASN D 123 14.38 33.92 -0.96
CA ASN D 123 14.78 35.05 -0.14
C ASN D 123 15.04 34.80 1.34
N LEU D 124 14.81 33.59 1.83
CA LEU D 124 14.91 33.31 3.26
C LEU D 124 16.34 33.14 3.75
N PRO D 125 16.57 33.41 5.04
CA PRO D 125 17.91 33.23 5.61
C PRO D 125 18.36 31.77 5.61
N TRP D 133 28.11 33.79 -4.49
CA TRP D 133 27.67 32.61 -5.20
C TRP D 133 28.43 32.36 -6.49
N SER D 134 29.12 33.39 -6.98
CA SER D 134 29.89 33.25 -8.20
C SER D 134 31.35 32.91 -7.93
N THR D 135 31.66 32.65 -6.66
CA THR D 135 33.03 32.37 -6.23
C THR D 135 33.53 30.99 -6.63
N ILE D 136 32.65 30.22 -7.27
CA ILE D 136 32.93 28.83 -7.59
C ILE D 136 34.12 28.68 -8.53
N VAL D 137 35.12 27.90 -8.15
CA VAL D 137 36.33 27.76 -8.98
C VAL D 137 36.79 26.28 -9.04
N GLN D 138 37.53 25.92 -10.08
CA GLN D 138 38.06 24.57 -10.23
C GLN D 138 39.48 24.39 -9.67
N GLY D 139 39.65 23.44 -8.77
CA GLY D 139 40.95 23.14 -8.18
C GLY D 139 41.92 22.59 -9.21
N PRO D 140 43.21 22.56 -8.86
CA PRO D 140 44.21 22.02 -9.78
C PRO D 140 43.92 20.56 -10.12
N ALA D 141 43.20 19.89 -9.23
CA ALA D 141 42.95 18.47 -9.41
C ALA D 141 41.46 18.11 -9.39
N GLU D 142 40.61 19.10 -9.55
CA GLU D 142 39.16 18.84 -9.53
C GLU D 142 38.58 18.46 -10.88
N SER D 143 37.71 17.43 -10.88
CA SER D 143 37.04 17.02 -12.10
C SER D 143 36.16 18.14 -12.64
N TYR D 144 36.23 18.34 -13.96
CA TYR D 144 35.50 19.39 -14.67
C TYR D 144 34.02 19.37 -14.42
N VAL D 145 33.47 18.18 -14.54
CA VAL D 145 32.05 17.99 -14.40
C VAL D 145 31.52 18.39 -13.04
N GLU D 146 32.26 18.03 -12.00
CA GLU D 146 31.80 18.32 -10.67
C GLU D 146 31.82 19.80 -10.46
N PHE D 147 32.85 20.41 -11.00
CA PHE D 147 32.95 21.85 -10.99
C PHE D 147 31.74 22.46 -11.65
N VAL D 148 31.43 21.96 -12.83
CA VAL D 148 30.28 22.45 -13.56
C VAL D 148 29.03 22.23 -12.76
N ASN D 149 28.96 21.07 -12.12
CA ASN D 149 27.80 20.73 -11.34
C ASN D 149 27.64 21.76 -10.26
N ARG D 150 28.70 21.93 -9.48
CA ARG D 150 28.72 22.89 -8.41
C ARG D 150 28.21 24.25 -8.84
N LEU D 151 28.63 24.69 -10.02
CA LEU D 151 28.23 25.98 -10.55
C LEU D 151 26.74 26.16 -10.77
N GLN D 152 26.15 25.26 -11.54
CA GLN D 152 24.74 25.34 -11.90
C GLN D 152 23.87 25.21 -10.69
N ILE D 153 24.38 24.48 -9.72
CA ILE D 153 23.68 24.34 -8.46
C ILE D 153 23.52 25.72 -7.90
N SER D 154 24.65 26.39 -7.77
CA SER D 154 24.69 27.71 -7.16
C SER D 154 23.83 28.71 -7.90
N LEU D 155 23.90 28.66 -9.21
CA LEU D 155 23.12 29.56 -10.01
C LEU D 155 21.65 29.24 -9.84
N ALA D 156 21.31 27.96 -9.89
CA ALA D 156 19.91 27.56 -9.78
C ALA D 156 19.37 27.99 -8.43
N ASP D 157 20.24 28.02 -7.43
CA ASP D 157 19.86 28.51 -6.11
C ASP D 157 19.84 30.05 -5.98
N ASN D 158 20.93 30.73 -6.33
CA ASN D 158 21.09 32.15 -6.01
C ASN D 158 20.96 33.27 -7.08
N LEU D 159 20.58 32.95 -8.31
CA LEU D 159 20.48 33.96 -9.35
C LEU D 159 19.21 34.82 -9.20
N PRO D 160 19.36 36.14 -9.32
CA PRO D 160 18.25 37.10 -9.26
C PRO D 160 17.26 37.00 -10.40
N ASP D 161 16.01 37.34 -10.10
CA ASP D 161 14.91 37.22 -11.02
C ASP D 161 15.02 38.17 -12.21
N GLY D 162 14.28 37.87 -13.26
CA GLY D 162 14.25 38.69 -14.46
C GLY D 162 15.56 38.61 -15.22
N VAL D 163 16.51 37.92 -14.61
CA VAL D 163 17.83 37.76 -15.18
C VAL D 163 17.92 36.38 -15.80
N PRO D 164 18.11 36.33 -17.12
CA PRO D 164 18.21 35.05 -17.84
C PRO D 164 19.49 34.29 -17.50
N LYS D 165 19.36 33.01 -17.19
CA LYS D 165 20.48 32.22 -16.68
C LYS D 165 21.46 31.83 -17.76
N GLU D 166 20.92 31.44 -18.91
CA GLU D 166 21.71 30.89 -20.00
C GLU D 166 22.91 31.74 -20.41
N PRO D 167 22.70 33.03 -20.72
CA PRO D 167 23.88 33.79 -21.14
C PRO D 167 24.94 33.83 -20.04
N ILE D 168 24.49 33.81 -18.79
CA ILE D 168 25.40 33.85 -17.68
C ILE D 168 26.17 32.55 -17.59
N ILE D 169 25.44 31.44 -17.65
CA ILE D 169 26.06 30.12 -17.65
C ILE D 169 27.12 29.93 -18.72
N ASP D 170 26.75 30.23 -19.97
CA ASP D 170 27.65 30.06 -21.11
C ASP D 170 28.95 30.82 -20.92
N SER D 171 28.87 31.91 -20.17
CA SER D 171 30.04 32.75 -19.92
C SER D 171 30.95 32.17 -18.84
N LEU D 172 30.38 31.92 -17.67
CA LEU D 172 31.13 31.48 -16.49
C LEU D 172 31.76 30.10 -16.62
N SER D 173 31.16 29.27 -17.46
CA SER D 173 31.72 27.94 -17.71
C SER D 173 33.17 28.01 -18.20
N TYR D 174 33.53 29.04 -18.98
CA TYR D 174 34.92 29.24 -19.38
C TYR D 174 35.67 30.06 -18.35
N ALA D 175 35.09 31.20 -18.01
CA ALA D 175 35.73 32.15 -17.14
C ALA D 175 36.32 31.49 -15.90
N ASN D 176 35.53 30.61 -15.28
CA ASN D 176 35.91 30.03 -13.99
C ASN D 176 36.70 28.70 -14.02
N ALA D 177 37.15 28.26 -15.19
CA ALA D 177 37.93 27.02 -15.33
C ALA D 177 39.44 27.17 -15.07
N ASN D 178 40.11 26.08 -14.70
CA ASN D 178 41.55 26.11 -14.45
C ASN D 178 42.35 26.13 -15.75
N LYS D 179 43.67 26.32 -15.63
CA LYS D 179 44.55 26.40 -16.80
C LYS D 179 44.36 25.26 -17.74
N GLU D 180 44.32 24.05 -17.17
CA GLU D 180 44.27 22.84 -17.98
C GLU D 180 43.07 22.92 -18.89
N CYS D 181 41.90 23.18 -18.31
CA CYS D 181 40.66 23.17 -19.09
C CYS D 181 40.45 24.44 -19.90
N GLN D 182 41.02 25.55 -19.45
CA GLN D 182 40.94 26.80 -20.20
C GLN D 182 41.70 26.68 -21.49
N GLN D 183 42.88 26.08 -21.41
CA GLN D 183 43.72 25.88 -22.56
C GLN D 183 42.94 25.11 -23.61
N ILE D 184 42.07 24.22 -23.13
CA ILE D 184 41.23 23.39 -24.00
C ILE D 184 40.09 24.17 -24.65
N LEU D 185 39.33 24.92 -23.87
CA LEU D 185 38.23 25.70 -24.42
C LEU D 185 38.74 26.75 -25.40
N GLN D 186 39.90 27.30 -25.09
CA GLN D 186 40.58 28.18 -26.03
C GLN D 186 40.98 27.35 -27.23
N GLY D 187 41.59 26.21 -26.92
CA GLY D 187 42.11 25.29 -27.90
C GLY D 187 41.08 24.91 -28.94
N ARG D 188 39.86 24.71 -28.50
CA ARG D 188 38.81 24.39 -29.45
C ARG D 188 38.02 25.63 -29.82
N GLY D 189 38.24 26.72 -29.11
CA GLY D 189 37.53 27.94 -29.40
C GLY D 189 36.09 27.79 -28.99
N LEU D 190 35.87 27.29 -27.78
CA LEU D 190 34.52 27.06 -27.29
C LEU D 190 34.20 28.09 -26.27
N VAL D 191 34.96 29.17 -26.31
CA VAL D 191 34.91 30.18 -25.28
C VAL D 191 33.51 30.77 -25.08
N ALA D 192 32.71 30.83 -26.15
CA ALA D 192 31.35 31.40 -26.04
C ALA D 192 30.21 30.35 -26.18
N ALA D 193 30.58 29.10 -26.43
CA ALA D 193 29.61 28.05 -26.72
C ALA D 193 28.66 27.78 -25.58
N PRO D 194 27.44 27.29 -25.88
CA PRO D 194 26.56 26.84 -24.80
C PRO D 194 27.30 25.83 -23.96
N VAL D 195 27.14 25.87 -22.65
CA VAL D 195 27.90 25.01 -21.76
C VAL D 195 27.87 23.55 -22.18
N GLY D 196 26.75 23.13 -22.75
CA GLY D 196 26.56 21.76 -23.15
C GLY D 196 27.64 21.40 -24.13
N GLN D 197 28.14 22.40 -24.85
CA GLN D 197 29.21 22.15 -25.80
C GLN D 197 30.58 22.19 -25.14
N LYS D 198 30.73 22.95 -24.06
CA LYS D 198 31.99 23.00 -23.34
C LYS D 198 32.27 21.70 -22.61
N LEU D 199 31.19 21.10 -22.13
CA LEU D 199 31.25 19.86 -21.37
C LEU D 199 31.96 18.75 -22.11
N GLN D 200 31.59 18.61 -23.37
CA GLN D 200 32.06 17.54 -24.23
C GLN D 200 33.57 17.39 -24.32
N ALA D 201 34.26 18.52 -24.30
CA ALA D 201 35.71 18.54 -24.46
C ALA D 201 36.51 18.14 -23.23
N CYS D 202 36.15 18.66 -22.06
CA CYS D 202 37.00 18.52 -20.88
C CYS D 202 36.83 17.19 -20.15
N ALA D 203 36.07 16.30 -20.78
CA ALA D 203 35.80 14.97 -20.25
C ALA D 203 37.07 14.13 -20.26
N HIS D 204 38.12 14.64 -20.90
CA HIS D 204 39.29 13.83 -21.17
C HIS D 204 40.30 14.05 -20.05
N TRP D 205 40.55 15.30 -19.70
CA TRP D 205 41.51 15.63 -18.65
C TRP D 205 41.08 15.02 -17.32
N PRO E 1 -17.39 10.49 10.35
CA PRO E 1 -17.03 11.38 9.24
C PRO E 1 -18.19 11.71 8.32
N ILE E 2 -18.32 12.96 7.92
CA ILE E 2 -19.37 13.36 7.00
C ILE E 2 -18.81 13.60 5.62
N ILE E 3 -19.36 12.91 4.63
CA ILE E 3 -18.93 13.05 3.25
C ILE E 3 -20.07 13.68 2.42
N SER E 4 -19.76 14.74 1.69
CA SER E 4 -20.72 15.42 0.78
C SER E 4 -22.19 15.35 1.18
N ASN E 9 -24.63 15.38 3.53
CA ASN E 9 -25.89 15.07 4.19
C ASN E 9 -25.89 13.66 4.77
N ARG E 10 -24.86 12.88 4.44
CA ARG E 10 -24.77 11.49 4.88
C ARG E 10 -23.51 11.24 5.71
N HIS E 11 -23.66 10.51 6.81
CA HIS E 11 -22.54 10.16 7.67
C HIS E 11 -21.80 8.90 7.19
N ARG E 12 -20.49 8.85 7.43
CA ARG E 12 -19.69 7.68 7.13
C ARG E 12 -18.96 7.20 8.38
N ALA E 13 -18.81 5.89 8.54
CA ALA E 13 -18.08 5.33 9.67
C ALA E 13 -16.57 5.48 9.44
N TRP E 14 -15.78 5.31 10.50
CA TRP E 14 -14.34 5.36 10.36
C TRP E 14 -13.79 4.19 9.56
N ALA E 15 -12.67 4.43 8.89
CA ALA E 15 -11.88 3.31 8.40
C ALA E 15 -10.77 2.99 9.39
N LEU E 16 -10.56 1.71 9.64
CA LEU E 16 -9.46 1.28 10.50
C LEU E 16 -8.14 1.85 10.05
N ARG E 17 -7.88 1.74 8.75
CA ARG E 17 -6.66 2.25 8.17
C ARG E 17 -6.50 3.72 8.51
N GLU E 18 -7.57 4.48 8.34
CA GLU E 18 -7.55 5.91 8.67
C GLU E 18 -7.06 6.07 10.07
N LEU E 19 -7.67 5.31 10.94
CA LEU E 19 -7.31 5.35 12.33
C LEU E 19 -5.92 4.79 12.54
N GLN E 20 -5.60 3.70 11.85
CA GLN E 20 -4.26 3.12 11.98
C GLN E 20 -3.25 4.11 11.50
N ASP E 21 -3.59 4.83 10.44
CA ASP E 21 -2.68 5.79 9.85
C ASP E 21 -2.29 6.88 10.82
N ILE E 22 -3.30 7.49 11.43
CA ILE E 22 -3.15 8.63 12.34
C ILE E 22 -2.32 8.35 13.60
N LYS E 23 -2.61 7.21 14.22
CA LYS E 23 -1.89 6.69 15.36
C LYS E 23 -0.40 6.75 15.06
N LYS E 24 -0.06 6.16 13.92
CA LYS E 24 1.32 6.03 13.50
C LYS E 24 2.05 7.38 13.38
N GLU E 25 1.46 8.40 12.77
CA GLU E 25 2.17 9.69 12.62
C GLU E 25 2.36 10.36 13.99
N ILE E 26 1.35 10.26 14.84
CA ILE E 26 1.34 10.97 16.12
C ILE E 26 2.12 10.24 17.20
N GLU E 27 2.48 8.99 16.89
CA GLU E 27 3.03 8.04 17.83
C GLU E 27 3.94 8.63 18.93
N ASN E 28 4.83 9.53 18.59
CA ASN E 28 5.75 10.04 19.60
C ASN E 28 5.45 11.43 20.13
N LYS E 29 4.21 11.91 19.99
CA LYS E 29 3.94 13.25 20.47
C LYS E 29 3.08 13.29 21.73
N ALA E 30 3.32 14.33 22.52
CA ALA E 30 2.61 14.53 23.76
C ALA E 30 1.33 15.31 23.51
N PRO E 31 0.26 14.98 24.25
CA PRO E 31 -1.03 15.68 24.17
C PRO E 31 -0.85 17.17 24.47
N GLY E 32 -1.24 18.01 23.53
CA GLY E 32 -1.02 19.43 23.69
C GLY E 32 0.31 19.86 23.09
N SER E 33 1.10 18.92 22.59
CA SER E 33 2.28 19.33 21.86
C SER E 33 1.64 19.93 20.64
N GLN E 34 2.24 20.96 20.06
CA GLN E 34 1.59 21.64 18.94
C GLN E 34 1.43 20.62 17.84
N VAL E 35 2.48 19.82 17.68
CA VAL E 35 2.52 18.75 16.68
C VAL E 35 1.36 17.83 16.88
N TRP E 36 1.08 17.53 18.14
CA TRP E 36 -0.10 16.78 18.49
C TRP E 36 -1.31 17.53 17.92
N ILE E 37 -1.45 18.80 18.29
CA ILE E 37 -2.61 19.61 17.90
C ILE E 37 -2.76 19.78 16.39
N GLN E 38 -1.65 20.03 15.71
CA GLN E 38 -1.68 20.22 14.26
C GLN E 38 -2.07 18.92 13.59
N THR E 39 -1.56 17.82 14.12
CA THR E 39 -1.84 16.51 13.57
C THR E 39 -3.34 16.27 13.55
N LEU E 40 -3.97 16.55 14.67
CA LEU E 40 -5.39 16.31 14.83
C LEU E 40 -6.20 17.33 14.03
N ARG E 41 -5.73 18.57 14.04
CA ARG E 41 -6.41 19.69 13.40
C ARG E 41 -6.69 19.33 11.94
N LEU E 42 -5.77 18.57 11.36
CA LEU E 42 -5.88 18.12 9.98
C LEU E 42 -6.97 17.08 9.66
N ALA E 43 -7.03 16.02 10.45
CA ALA E 43 -8.00 14.95 10.25
C ALA E 43 -9.45 15.47 10.22
N ILE E 44 -9.77 16.37 11.14
CA ILE E 44 -11.10 16.93 11.26
C ILE E 44 -11.52 17.55 9.94
N LEU E 45 -10.58 18.25 9.35
CA LEU E 45 -10.83 18.87 8.07
C LEU E 45 -11.05 17.78 7.03
N GLN E 46 -10.31 16.68 7.14
CA GLN E 46 -10.40 15.58 6.18
C GLN E 46 -11.74 14.87 6.28
N ALA E 47 -12.21 14.64 7.50
CA ALA E 47 -13.39 13.80 7.73
C ALA E 47 -14.69 14.56 7.95
N ASP E 48 -14.61 15.68 8.65
CA ASP E 48 -15.77 16.36 9.21
C ASP E 48 -16.53 15.42 10.15
N PRO E 49 -15.90 15.07 11.28
CA PRO E 49 -16.39 14.07 12.24
C PRO E 49 -17.40 14.56 13.30
N THR E 50 -18.25 13.64 13.75
CA THR E 50 -19.26 13.89 14.78
C THR E 50 -18.72 13.73 16.22
N PRO E 51 -19.47 14.26 17.21
CA PRO E 51 -19.07 14.12 18.62
C PRO E 51 -18.74 12.71 19.02
N ALA E 52 -19.47 11.75 18.47
CA ALA E 52 -19.19 10.34 18.74
C ALA E 52 -17.83 10.00 18.19
N ASP E 53 -17.60 10.40 16.95
CA ASP E 53 -16.36 10.09 16.26
C ASP E 53 -15.18 10.64 17.03
N LEU E 54 -15.36 11.82 17.61
CA LEU E 54 -14.27 12.44 18.33
C LEU E 54 -13.99 11.66 19.58
N GLU E 55 -15.07 11.27 20.25
CA GLU E 55 -15.01 10.54 21.48
C GLU E 55 -14.29 9.22 21.23
N GLN E 56 -14.55 8.62 20.08
CA GLN E 56 -13.86 7.42 19.67
C GLN E 56 -12.36 7.65 19.56
N LEU E 57 -12.01 8.84 19.07
CA LEU E 57 -10.61 9.19 18.94
C LEU E 57 -9.88 9.19 20.25
N CYS E 58 -10.50 9.78 21.27
CA CYS E 58 -9.92 9.85 22.61
C CYS E 58 -9.42 8.49 22.99
N GLN E 59 -10.25 7.52 22.64
CA GLN E 59 -10.08 6.14 23.00
C GLN E 59 -9.00 5.44 22.18
N TYR E 60 -8.86 5.80 20.92
CA TYR E 60 -7.82 5.17 20.13
C TYR E 60 -6.50 5.87 20.46
N ILE E 61 -6.56 7.14 20.80
CA ILE E 61 -5.33 7.91 20.89
C ILE E 61 -4.79 8.17 22.29
N ALA E 62 -5.66 8.17 23.30
CA ALA E 62 -5.23 8.65 24.60
C ALA E 62 -5.29 7.63 25.73
N SER E 63 -4.37 7.77 26.67
CA SER E 63 -4.42 6.98 27.87
C SER E 63 -5.70 7.45 28.55
N PRO E 64 -6.40 6.53 29.24
CA PRO E 64 -7.72 6.76 29.84
C PRO E 64 -7.79 8.00 30.71
N VAL E 65 -6.70 8.31 31.39
CA VAL E 65 -6.65 9.49 32.23
C VAL E 65 -6.87 10.73 31.41
N ASP E 66 -6.10 10.82 30.34
CA ASP E 66 -6.14 11.98 29.48
C ASP E 66 -7.50 12.08 28.82
N GLN E 67 -8.13 10.94 28.55
CA GLN E 67 -9.48 10.92 27.99
C GLN E 67 -10.45 11.63 28.91
N THR E 68 -10.38 11.30 30.18
CA THR E 68 -11.25 11.92 31.17
C THR E 68 -10.90 13.39 31.39
N ALA E 69 -9.60 13.66 31.55
CA ALA E 69 -9.14 15.02 31.80
C ALA E 69 -9.68 15.94 30.72
N HIS E 70 -9.69 15.42 29.50
CA HIS E 70 -10.21 16.13 28.34
C HIS E 70 -11.71 16.33 28.44
N MET E 71 -12.45 15.25 28.70
CA MET E 71 -13.91 15.35 28.79
C MET E 71 -14.32 16.40 29.80
N THR E 72 -13.54 16.49 30.87
CA THR E 72 -13.77 17.47 31.91
C THR E 72 -13.59 18.88 31.35
N SER E 73 -12.39 19.13 30.85
CA SER E 73 -12.01 20.44 30.35
C SER E 73 -12.89 20.85 29.18
N LEU E 74 -13.31 19.86 28.42
CA LEU E 74 -14.17 20.10 27.27
C LEU E 74 -15.55 20.64 27.58
N THR E 75 -16.33 19.82 28.27
CA THR E 75 -17.71 20.14 28.58
C THR E 75 -17.77 21.39 29.42
N ALA E 76 -16.69 21.66 30.14
CA ALA E 76 -16.57 22.86 30.93
C ALA E 76 -16.50 24.10 30.04
N ALA E 77 -15.59 24.08 29.08
CA ALA E 77 -15.46 25.18 28.15
C ALA E 77 -16.73 25.32 27.32
N ILE E 78 -17.38 24.18 27.04
CA ILE E 78 -18.65 24.15 26.31
C ILE E 78 -19.63 25.07 27.00
N ALA E 79 -19.80 24.82 28.30
CA ALA E 79 -20.67 25.65 29.11
C ALA E 79 -20.14 27.07 29.13
N ALA E 80 -18.83 27.21 29.32
CA ALA E 80 -18.19 28.51 29.39
C ALA E 80 -18.44 29.28 28.10
N ALA E 81 -18.40 28.57 26.97
CA ALA E 81 -18.69 29.20 25.70
C ALA E 81 -20.16 29.60 25.59
N GLU E 82 -21.06 28.68 25.89
CA GLU E 82 -22.49 28.98 25.82
C GLU E 82 -22.81 30.04 26.85
N ALA E 83 -22.25 29.88 28.05
CA ALA E 83 -22.45 30.88 29.10
C ALA E 83 -21.94 32.23 28.62
N ALA E 84 -20.82 32.24 27.92
CA ALA E 84 -20.27 33.50 27.42
C ALA E 84 -21.02 33.88 26.15
N ASN E 85 -21.87 32.96 25.71
CA ASN E 85 -22.68 33.11 24.51
C ASN E 85 -21.81 33.53 23.32
N THR E 86 -20.62 32.94 23.26
CA THR E 86 -19.72 33.15 22.14
C THR E 86 -20.13 32.13 21.08
N LEU E 87 -21.08 31.29 21.46
CA LEU E 87 -21.63 30.22 20.64
C LEU E 87 -22.68 30.71 19.63
N GLN E 88 -22.27 30.86 18.38
CA GLN E 88 -23.10 31.45 17.31
C GLN E 88 -24.07 30.48 16.61
N GLY E 89 -25.36 30.70 16.77
CA GLY E 89 -26.38 29.97 16.01
C GLY E 89 -27.05 28.80 16.70
N PHE E 90 -26.71 28.60 17.97
CA PHE E 90 -27.25 27.50 18.78
C PHE E 90 -28.64 27.74 19.36
N ASN E 91 -29.60 26.85 19.06
CA ASN E 91 -30.89 26.87 19.74
C ASN E 91 -31.04 25.68 20.67
N PRO E 92 -31.00 25.94 21.98
CA PRO E 92 -31.14 24.87 22.96
C PRO E 92 -32.45 24.08 22.77
N GLN E 93 -33.42 24.68 22.07
CA GLN E 93 -34.74 24.06 21.89
C GLN E 93 -34.65 22.85 21.00
N ASN E 94 -33.62 22.80 20.18
CA ASN E 94 -33.49 21.75 19.19
C ASN E 94 -32.51 20.67 19.63
N GLY E 95 -32.09 20.74 20.88
CA GLY E 95 -31.15 19.81 21.45
C GLY E 95 -29.89 20.48 21.94
N THR E 96 -29.03 19.72 22.62
CA THR E 96 -27.80 20.25 23.18
C THR E 96 -26.75 20.50 22.13
N LEU E 97 -25.68 21.17 22.55
CA LEU E 97 -24.55 21.35 21.67
C LEU E 97 -24.04 20.00 21.24
N THR E 98 -23.88 19.12 22.23
CA THR E 98 -23.36 17.79 21.97
C THR E 98 -24.31 17.00 21.07
N GLN E 99 -25.61 17.27 21.17
CA GLN E 99 -26.61 16.53 20.39
C GLN E 99 -26.87 17.11 18.99
N GLN E 100 -27.02 18.43 18.90
CA GLN E 100 -27.44 19.07 17.65
C GLN E 100 -26.44 18.99 16.49
N SER E 101 -25.16 19.14 16.82
CA SER E 101 -24.11 19.22 15.81
C SER E 101 -23.82 17.88 15.16
N ALA E 102 -24.47 16.83 15.64
CA ALA E 102 -24.27 15.51 15.09
C ALA E 102 -24.92 15.42 13.72
N GLN E 103 -25.84 16.34 13.45
CA GLN E 103 -26.56 16.33 12.19
C GLN E 103 -25.65 16.78 11.06
N PRO E 104 -25.57 15.97 9.98
CA PRO E 104 -24.74 16.22 8.80
C PRO E 104 -25.00 17.62 8.27
N ASN E 105 -26.24 18.06 8.41
CA ASN E 105 -26.67 19.32 7.86
C ASN E 105 -26.22 20.50 8.73
N ALA E 106 -25.90 20.19 9.98
CA ALA E 106 -25.53 21.19 10.97
C ALA E 106 -24.02 21.47 10.95
N GLY E 107 -23.49 21.89 9.81
CA GLY E 107 -22.06 22.05 9.68
C GLY E 107 -21.43 23.20 10.43
N ASP E 108 -22.12 24.34 10.51
CA ASP E 108 -21.57 25.55 11.13
C ASP E 108 -21.30 25.27 12.59
N LEU E 109 -22.24 24.57 13.22
CA LEU E 109 -22.14 24.27 14.63
C LEU E 109 -21.13 23.16 14.90
N ARG E 110 -21.10 22.15 14.04
CA ARG E 110 -20.16 21.04 14.17
C ARG E 110 -18.73 21.54 14.15
N SER E 111 -18.48 22.53 13.32
CA SER E 111 -17.17 23.16 13.22
C SER E 111 -16.72 23.80 14.53
N GLN E 112 -17.63 24.49 15.20
CA GLN E 112 -17.27 25.18 16.43
C GLN E 112 -16.91 24.15 17.48
N TYR E 113 -17.67 23.06 17.50
CA TYR E 113 -17.47 21.96 18.43
C TYR E 113 -16.04 21.44 18.28
N GLN E 114 -15.67 21.20 17.04
CA GLN E 114 -14.36 20.67 16.74
C GLN E 114 -13.20 21.54 17.26
N ASN E 115 -13.29 22.87 17.12
CA ASN E 115 -12.22 23.76 17.60
C ASN E 115 -12.03 23.62 19.08
N LEU E 116 -13.13 23.62 19.78
CA LEU E 116 -13.10 23.52 21.20
C LEU E 116 -12.42 22.22 21.54
N TRP E 117 -12.79 21.20 20.76
CA TRP E 117 -12.26 19.87 20.96
C TRP E 117 -10.75 19.99 20.84
N LEU E 118 -10.30 20.77 19.90
CA LEU E 118 -8.89 21.05 19.81
C LEU E 118 -8.41 21.87 21.00
N GLN E 119 -9.12 22.96 21.28
CA GLN E 119 -8.69 23.87 22.32
C GLN E 119 -8.59 23.12 23.63
N ALA E 120 -9.46 22.14 23.78
CA ALA E 120 -9.52 21.34 25.00
C ALA E 120 -8.27 20.51 25.28
N TRP E 121 -7.46 20.25 24.26
CA TRP E 121 -6.22 19.50 24.50
C TRP E 121 -5.10 20.39 25.03
N LYS E 122 -5.50 21.51 25.63
CA LYS E 122 -4.58 22.49 26.19
C LYS E 122 -3.86 22.04 27.47
N ASN E 123 -4.59 21.50 28.44
CA ASN E 123 -4.01 21.06 29.71
C ASN E 123 -4.12 19.54 29.96
N TRP E 133 7.74 27.99 31.75
CA TRP E 133 7.93 28.37 30.36
C TRP E 133 8.62 29.74 30.29
N SER E 134 8.98 30.17 29.09
CA SER E 134 9.61 31.48 28.87
C SER E 134 11.02 31.60 29.44
N THR E 135 11.51 30.53 30.06
CA THR E 135 12.86 30.56 30.66
C THR E 135 13.92 30.36 29.60
N ILE E 136 13.49 29.97 28.40
CA ILE E 136 14.40 29.66 27.29
C ILE E 136 15.04 30.93 26.76
N VAL E 137 16.36 30.92 26.70
CA VAL E 137 17.12 32.10 26.35
C VAL E 137 18.15 31.69 25.33
N GLN E 138 18.69 32.66 24.61
CA GLN E 138 19.71 32.39 23.62
C GLN E 138 21.04 32.31 24.32
N GLY E 139 21.72 31.17 24.17
CA GLY E 139 23.01 30.99 24.78
C GLY E 139 23.99 31.96 24.15
N PRO E 140 25.12 32.18 24.82
CA PRO E 140 26.16 33.08 24.29
C PRO E 140 26.69 32.58 22.94
N ALA E 141 26.55 31.28 22.69
CA ALA E 141 27.06 30.68 21.46
C ALA E 141 25.97 29.97 20.66
N GLU E 142 24.72 30.23 21.01
CA GLU E 142 23.60 29.65 20.25
C GLU E 142 23.14 30.59 19.14
N SER E 143 22.93 30.06 17.96
CA SER E 143 22.42 30.87 16.86
C SER E 143 21.05 31.42 17.18
N TYR E 144 20.82 32.66 16.78
CA TYR E 144 19.55 33.33 17.02
C TYR E 144 18.40 32.51 16.49
N VAL E 145 18.56 32.00 15.28
CA VAL E 145 17.51 31.23 14.65
C VAL E 145 17.15 30.01 15.50
N GLU E 146 18.17 29.36 16.06
CA GLU E 146 17.96 28.17 16.88
C GLU E 146 17.25 28.60 18.15
N PHE E 147 17.69 29.73 18.67
CA PHE E 147 17.05 30.36 19.81
C PHE E 147 15.59 30.61 19.51
N VAL E 148 15.32 31.21 18.35
CA VAL E 148 13.96 31.51 17.97
C VAL E 148 13.09 30.27 17.89
N ASN E 149 13.65 29.16 17.40
CA ASN E 149 12.87 27.95 17.28
C ASN E 149 12.35 27.46 18.62
N ARG E 150 13.27 27.26 19.56
CA ARG E 150 12.94 26.83 20.91
C ARG E 150 11.84 27.70 21.48
N LEU E 151 11.92 29.00 21.20
CA LEU E 151 10.97 29.99 21.69
C LEU E 151 9.55 29.67 21.24
N GLN E 152 9.37 29.56 19.93
CA GLN E 152 8.06 29.28 19.36
C GLN E 152 7.58 27.90 19.76
N ILE E 153 8.53 26.97 19.90
CA ILE E 153 8.21 25.64 20.34
C ILE E 153 7.57 25.72 21.71
N SER E 154 8.28 26.32 22.66
CA SER E 154 7.75 26.45 24.00
C SER E 154 6.47 27.29 24.01
N LEU E 155 6.47 28.36 23.23
CA LEU E 155 5.30 29.22 23.17
C LEU E 155 4.11 28.56 22.52
N ALA E 156 4.30 27.94 21.37
CA ALA E 156 3.18 27.34 20.65
C ALA E 156 2.55 26.29 21.53
N ASP E 157 3.38 25.73 22.42
CA ASP E 157 2.90 24.78 23.41
C ASP E 157 2.15 25.46 24.56
N ASN E 158 2.73 26.50 25.15
CA ASN E 158 2.16 27.03 26.39
C ASN E 158 1.49 28.39 26.21
N LEU E 159 0.16 28.39 26.24
CA LEU E 159 -0.55 29.65 26.05
C LEU E 159 -1.78 29.79 26.94
N PRO E 160 -1.96 30.98 27.52
CA PRO E 160 -3.22 31.20 28.23
C PRO E 160 -4.32 31.35 27.19
N ASP E 161 -5.52 30.87 27.47
CA ASP E 161 -6.58 30.93 26.48
C ASP E 161 -6.99 32.37 26.27
N GLY E 162 -7.39 32.71 25.06
CA GLY E 162 -7.80 34.07 24.77
C GLY E 162 -6.64 35.04 24.77
N VAL E 163 -5.46 34.54 25.12
CA VAL E 163 -4.25 35.35 25.18
C VAL E 163 -3.46 35.10 23.92
N PRO E 164 -3.28 36.17 23.13
CA PRO E 164 -2.66 36.16 21.80
C PRO E 164 -1.17 35.89 21.82
N LYS E 165 -0.74 34.98 20.96
CA LYS E 165 0.64 34.54 20.92
C LYS E 165 1.52 35.59 20.26
N GLU E 166 0.97 36.19 19.22
CA GLU E 166 1.69 37.13 18.39
C GLU E 166 2.28 38.25 19.27
N PRO E 167 1.42 39.01 19.99
CA PRO E 167 1.99 40.09 20.79
C PRO E 167 2.92 39.52 21.84
N ILE E 168 2.67 38.30 22.28
CA ILE E 168 3.58 37.65 23.21
C ILE E 168 4.86 37.34 22.48
N ILE E 169 4.72 36.74 21.31
CA ILE E 169 5.84 36.44 20.44
C ILE E 169 6.71 37.66 20.18
N ASP E 170 6.07 38.74 19.76
CA ASP E 170 6.76 39.98 19.41
C ASP E 170 7.64 40.47 20.57
N SER E 171 7.27 40.08 21.79
CA SER E 171 7.96 40.53 22.99
C SER E 171 9.26 39.78 23.29
N LEU E 172 9.15 38.47 23.47
CA LEU E 172 10.24 37.64 23.94
C LEU E 172 11.37 37.56 22.94
N SER E 173 11.00 37.76 21.67
CA SER E 173 11.95 37.75 20.58
C SER E 173 13.08 38.73 20.82
N TYR E 174 12.75 39.87 21.42
CA TYR E 174 13.76 40.83 21.82
C TYR E 174 14.29 40.52 23.22
N ALA E 175 13.38 40.42 24.19
CA ALA E 175 13.72 40.30 25.61
C ALA E 175 14.73 39.20 25.95
N ASN E 176 14.49 37.99 25.45
CA ASN E 176 15.28 36.81 25.81
C ASN E 176 16.47 36.49 24.92
N ALA E 177 16.86 37.40 24.05
CA ALA E 177 18.01 37.18 23.18
C ALA E 177 19.30 37.42 23.95
N ASN E 178 20.42 36.87 23.50
CA ASN E 178 21.67 37.12 24.18
C ASN E 178 22.17 38.54 23.92
N LYS E 179 23.26 38.91 24.58
CA LYS E 179 23.81 40.25 24.52
C LYS E 179 23.94 40.86 23.13
N GLU E 180 24.51 40.09 22.23
CA GLU E 180 24.90 40.59 20.94
C GLU E 180 23.70 41.10 20.15
N CYS E 181 22.64 40.29 20.09
CA CYS E 181 21.49 40.60 19.24
C CYS E 181 20.50 41.62 19.81
N GLN E 182 20.43 41.76 21.13
CA GLN E 182 19.53 42.76 21.70
C GLN E 182 19.98 44.12 21.19
N GLN E 183 21.29 44.32 21.18
CA GLN E 183 21.93 45.54 20.73
C GLN E 183 21.57 45.90 19.30
N ILE E 184 21.37 44.88 18.48
CA ILE E 184 21.09 45.05 17.05
C ILE E 184 19.72 45.68 16.84
N LEU E 185 18.74 45.15 17.54
CA LEU E 185 17.38 45.67 17.47
C LEU E 185 17.29 47.12 17.94
N GLN E 186 18.13 47.53 18.88
CA GLN E 186 18.16 48.94 19.24
C GLN E 186 18.59 49.74 18.03
N GLY E 187 19.69 49.28 17.42
CA GLY E 187 20.31 49.93 16.30
C GLY E 187 19.37 50.19 15.14
N ARG E 188 18.51 49.23 14.84
CA ARG E 188 17.54 49.39 13.77
C ARG E 188 16.19 49.82 14.35
N GLY E 189 16.05 49.75 15.68
CA GLY E 189 14.81 50.15 16.33
C GLY E 189 13.65 49.19 16.10
N LEU E 190 13.90 47.90 16.30
CA LEU E 190 12.89 46.86 16.08
C LEU E 190 12.36 46.14 17.34
N VAL E 191 12.54 46.75 18.51
CA VAL E 191 12.26 46.07 19.77
C VAL E 191 10.83 45.54 19.89
N ALA E 192 9.87 46.23 19.28
CA ALA E 192 8.47 45.82 19.37
C ALA E 192 7.96 45.22 18.07
N ALA E 193 8.81 45.21 17.05
CA ALA E 193 8.39 44.74 15.74
C ALA E 193 8.07 43.26 15.78
N PRO E 194 7.12 42.82 14.96
CA PRO E 194 6.83 41.40 14.81
C PRO E 194 8.11 40.63 14.52
N VAL E 195 8.24 39.45 15.10
CA VAL E 195 9.48 38.67 15.05
C VAL E 195 9.99 38.45 13.64
N GLY E 196 9.09 38.34 12.67
CA GLY E 196 9.45 38.09 11.28
C GLY E 196 10.36 39.19 10.78
N GLN E 197 10.19 40.38 11.33
CA GLN E 197 11.02 41.50 10.98
C GLN E 197 12.30 41.52 11.84
N LYS E 198 12.25 40.91 13.02
CA LYS E 198 13.42 40.74 13.88
C LYS E 198 14.42 39.69 13.34
N LEU E 199 13.90 38.60 12.78
CA LEU E 199 14.71 37.54 12.17
C LEU E 199 15.59 38.03 11.04
N GLN E 200 14.99 38.89 10.23
CA GLN E 200 15.61 39.48 9.07
C GLN E 200 16.98 40.03 9.38
N ALA E 201 17.12 40.66 10.54
CA ALA E 201 18.36 41.31 10.92
C ALA E 201 19.42 40.37 11.49
N CYS E 202 19.00 39.51 12.40
CA CYS E 202 19.94 38.67 13.13
C CYS E 202 20.23 37.34 12.43
N ALA E 203 19.74 37.20 11.21
CA ALA E 203 19.94 35.98 10.44
C ALA E 203 21.42 35.82 10.07
N HIS E 204 22.17 36.90 10.21
CA HIS E 204 23.54 36.98 9.75
C HIS E 204 24.62 36.95 10.83
N TRP E 205 24.23 37.13 12.08
CA TRP E 205 25.13 37.27 13.24
C TRP E 205 26.24 36.21 13.37
N ALA E 206 27.38 36.64 13.90
CA ALA E 206 28.51 35.76 14.15
C ALA E 206 28.89 35.68 15.63
N PRO F 1 -21.07 -7.61 5.68
CA PRO F 1 -21.24 -6.16 5.64
C PRO F 1 -22.44 -5.72 4.80
N ILE F 2 -23.22 -4.78 5.32
CA ILE F 2 -24.35 -4.26 4.58
C ILE F 2 -24.13 -2.82 4.12
N ILE F 3 -24.32 -2.61 2.82
CA ILE F 3 -24.14 -1.30 2.20
C ILE F 3 -25.48 -0.73 1.72
N SER F 4 -25.57 0.60 1.65
CA SER F 4 -26.76 1.27 1.13
C SER F 4 -27.18 0.75 -0.25
N ARG F 12 -23.16 -8.22 1.37
CA ARG F 12 -21.85 -8.51 0.77
C ARG F 12 -20.97 -9.26 1.78
N ALA F 13 -20.09 -10.12 1.26
CA ALA F 13 -19.14 -10.86 2.07
C ALA F 13 -17.97 -9.99 2.50
N TRP F 14 -17.12 -10.58 3.33
CA TRP F 14 -15.94 -9.94 3.89
C TRP F 14 -14.77 -9.53 3.00
N ALA F 15 -14.02 -8.51 3.41
CA ALA F 15 -12.68 -8.38 2.87
C ALA F 15 -11.66 -8.98 3.79
N LEU F 16 -10.82 -9.83 3.20
CA LEU F 16 -9.74 -10.45 3.90
C LEU F 16 -8.80 -9.44 4.54
N ARG F 17 -8.43 -8.43 3.77
CA ARG F 17 -7.54 -7.38 4.26
C ARG F 17 -8.13 -6.75 5.48
N GLU F 18 -9.44 -6.50 5.43
CA GLU F 18 -10.16 -5.98 6.58
C GLU F 18 -9.85 -6.90 7.75
N LEU F 19 -9.97 -8.18 7.50
CA LEU F 19 -9.68 -9.19 8.52
C LEU F 19 -8.19 -9.16 8.87
N GLN F 20 -7.34 -8.95 7.85
CA GLN F 20 -5.90 -8.96 8.05
C GLN F 20 -5.45 -7.86 9.00
N ASP F 21 -6.00 -6.67 8.80
CA ASP F 21 -5.64 -5.48 9.56
C ASP F 21 -5.97 -5.59 11.03
N ILE F 22 -7.18 -6.02 11.27
CA ILE F 22 -7.70 -6.12 12.60
C ILE F 22 -6.88 -7.06 13.45
N LYS F 23 -6.59 -8.25 12.91
CA LYS F 23 -5.71 -9.19 13.59
C LYS F 23 -4.45 -8.48 13.99
N LYS F 24 -3.78 -7.94 12.97
CA LYS F 24 -2.51 -7.28 13.17
C LYS F 24 -2.68 -6.15 14.17
N GLU F 25 -3.75 -5.39 14.05
CA GLU F 25 -3.94 -4.26 14.93
C GLU F 25 -4.14 -4.73 16.35
N ILE F 26 -5.00 -5.72 16.54
CA ILE F 26 -5.28 -6.16 17.89
C ILE F 26 -4.43 -7.30 18.44
N GLU F 27 -3.82 -8.08 17.56
CA GLU F 27 -3.20 -9.36 17.91
C GLU F 27 -2.53 -9.39 19.27
N ASN F 28 -1.93 -8.27 19.64
CA ASN F 28 -1.14 -8.18 20.84
C ASN F 28 -1.96 -7.66 22.01
N LYS F 29 -3.28 -7.81 21.94
CA LYS F 29 -4.13 -7.34 23.01
C LYS F 29 -4.78 -8.52 23.77
N ALA F 30 -5.15 -8.30 25.04
CA ALA F 30 -5.69 -9.35 25.91
C ALA F 30 -7.21 -9.61 25.75
N PRO F 31 -7.62 -10.89 25.86
CA PRO F 31 -9.02 -11.31 25.76
C PRO F 31 -9.93 -10.66 26.79
N GLY F 32 -10.91 -9.87 26.37
CA GLY F 32 -11.80 -9.24 27.31
C GLY F 32 -11.22 -7.94 27.85
N SER F 33 -9.97 -7.65 27.47
CA SER F 33 -9.34 -6.39 27.86
C SER F 33 -9.94 -5.20 27.12
N GLN F 34 -9.86 -4.04 27.75
CA GLN F 34 -10.51 -2.82 27.26
C GLN F 34 -9.99 -2.38 25.88
N VAL F 35 -8.68 -2.32 25.71
CA VAL F 35 -8.08 -1.95 24.43
C VAL F 35 -8.52 -2.92 23.32
N TRP F 36 -8.56 -4.19 23.69
CA TRP F 36 -9.09 -5.27 22.86
C TRP F 36 -10.49 -5.03 22.35
N ILE F 37 -11.41 -4.76 23.26
CA ILE F 37 -12.81 -4.58 22.90
C ILE F 37 -12.95 -3.41 21.94
N GLN F 38 -12.18 -2.37 22.19
CA GLN F 38 -12.23 -1.18 21.35
C GLN F 38 -11.75 -1.46 19.95
N THR F 39 -10.65 -2.20 19.83
CA THR F 39 -10.09 -2.52 18.52
C THR F 39 -11.19 -3.19 17.70
N LEU F 40 -11.99 -4.01 18.37
CA LEU F 40 -13.07 -4.73 17.71
C LEU F 40 -14.26 -3.86 17.36
N ARG F 41 -14.65 -3.04 18.32
CA ARG F 41 -15.83 -2.19 18.23
C ARG F 41 -15.77 -1.32 17.00
N LEU F 42 -14.54 -0.91 16.68
CA LEU F 42 -14.29 -0.05 15.56
C LEU F 42 -14.57 -0.70 14.21
N ALA F 43 -14.05 -1.91 14.02
CA ALA F 43 -14.16 -2.63 12.76
C ALA F 43 -15.60 -2.78 12.26
N ILE F 44 -16.49 -3.04 13.21
CA ILE F 44 -17.90 -3.26 12.94
C ILE F 44 -18.62 -2.12 12.21
N LEU F 45 -18.40 -0.90 12.68
CA LEU F 45 -19.07 0.26 12.13
C LEU F 45 -18.66 0.45 10.67
N GLN F 46 -17.41 0.11 10.41
CA GLN F 46 -16.81 0.24 9.09
C GLN F 46 -17.57 -0.73 8.19
N ALA F 47 -17.91 -1.88 8.74
CA ALA F 47 -18.49 -2.96 7.95
C ALA F 47 -20.03 -3.06 8.02
N ASP F 48 -20.61 -2.85 9.22
CA ASP F 48 -22.03 -3.16 9.53
C ASP F 48 -22.46 -4.62 9.29
N PRO F 49 -21.98 -5.53 10.15
CA PRO F 49 -22.12 -6.99 10.03
C PRO F 49 -23.42 -7.64 10.58
N THR F 50 -23.79 -8.77 9.96
CA THR F 50 -24.94 -9.58 10.37
C THR F 50 -24.55 -10.61 11.43
N PRO F 51 -25.54 -11.23 12.12
CA PRO F 51 -25.25 -12.32 13.07
C PRO F 51 -24.37 -13.37 12.44
N ALA F 52 -24.55 -13.56 11.13
CA ALA F 52 -23.73 -14.46 10.36
C ALA F 52 -22.26 -14.00 10.31
N ASP F 53 -22.03 -12.74 9.95
CA ASP F 53 -20.67 -12.24 9.83
C ASP F 53 -19.91 -12.38 11.13
N LEU F 54 -20.61 -12.17 12.23
CA LEU F 54 -20.00 -12.15 13.55
C LEU F 54 -19.43 -13.48 13.98
N GLU F 55 -20.16 -14.56 13.68
CA GLU F 55 -19.66 -15.89 13.99
C GLU F 55 -18.35 -16.06 13.23
N GLN F 56 -18.30 -15.50 12.02
CA GLN F 56 -17.11 -15.55 11.19
C GLN F 56 -15.93 -14.92 11.91
N LEU F 57 -16.19 -13.83 12.61
CA LEU F 57 -15.16 -13.14 13.36
C LEU F 57 -14.54 -13.96 14.47
N CYS F 58 -15.37 -14.66 15.24
CA CYS F 58 -14.92 -15.47 16.37
C CYS F 58 -13.74 -16.36 16.01
N GLN F 59 -13.82 -16.95 14.82
CA GLN F 59 -12.88 -17.96 14.37
C GLN F 59 -11.50 -17.42 13.94
N TYR F 60 -11.47 -16.20 13.41
CA TYR F 60 -10.22 -15.61 12.92
C TYR F 60 -9.34 -15.19 14.07
N ILE F 61 -10.02 -14.76 15.13
CA ILE F 61 -9.35 -14.13 16.24
C ILE F 61 -9.27 -14.97 17.51
N ALA F 62 -10.19 -15.91 17.70
CA ALA F 62 -10.30 -16.58 19.00
C ALA F 62 -10.03 -18.07 18.97
N SER F 63 -9.44 -18.55 20.05
CA SER F 63 -9.29 -19.98 20.22
C SER F 63 -10.68 -20.54 20.38
N PRO F 64 -10.88 -21.77 19.91
CA PRO F 64 -12.20 -22.41 19.92
C PRO F 64 -12.86 -22.42 21.29
N VAL F 65 -12.07 -22.53 22.36
CA VAL F 65 -12.63 -22.51 23.71
C VAL F 65 -13.29 -21.18 23.92
N ASP F 66 -12.55 -20.13 23.58
CA ASP F 66 -12.99 -18.78 23.76
C ASP F 66 -14.20 -18.51 22.85
N GLN F 67 -14.22 -19.17 21.71
CA GLN F 67 -15.35 -19.11 20.79
C GLN F 67 -16.60 -19.65 21.47
N THR F 68 -16.40 -20.75 22.17
CA THR F 68 -17.48 -21.47 22.84
C THR F 68 -18.13 -20.72 24.00
N ALA F 69 -17.29 -20.24 24.90
CA ALA F 69 -17.72 -19.50 26.09
C ALA F 69 -18.56 -18.26 25.79
N HIS F 70 -18.20 -17.58 24.71
CA HIS F 70 -18.87 -16.34 24.35
C HIS F 70 -20.34 -16.63 24.01
N MET F 71 -20.58 -17.68 23.23
CA MET F 71 -21.92 -18.05 22.80
C MET F 71 -22.90 -18.17 23.95
N THR F 72 -22.43 -18.70 25.08
CA THR F 72 -23.23 -18.87 26.29
C THR F 72 -23.67 -17.57 26.98
N SER F 73 -22.69 -16.75 27.39
CA SER F 73 -22.95 -15.52 28.14
C SER F 73 -23.78 -14.55 27.31
N LEU F 74 -23.62 -14.66 26.00
CA LEU F 74 -24.41 -13.88 25.07
C LEU F 74 -25.88 -14.19 25.17
N THR F 75 -26.22 -15.45 24.93
CA THR F 75 -27.60 -15.92 24.93
C THR F 75 -28.22 -15.66 26.29
N ALA F 76 -27.38 -15.64 27.32
CA ALA F 76 -27.82 -15.33 28.67
C ALA F 76 -28.25 -13.87 28.75
N ALA F 77 -27.39 -12.98 28.27
CA ALA F 77 -27.68 -11.56 28.26
C ALA F 77 -28.90 -11.24 27.41
N ILE F 78 -29.06 -11.97 26.32
CA ILE F 78 -30.20 -11.82 25.43
C ILE F 78 -31.50 -11.98 26.17
N ALA F 79 -31.64 -13.12 26.82
CA ALA F 79 -32.83 -13.41 27.59
C ALA F 79 -32.92 -12.38 28.69
N ALA F 80 -31.80 -12.12 29.33
CA ALA F 80 -31.76 -11.17 30.43
C ALA F 80 -32.20 -9.77 30.01
N ALA F 81 -31.72 -9.33 28.84
CA ALA F 81 -32.08 -8.01 28.33
C ALA F 81 -33.54 -7.94 27.92
N GLU F 82 -34.00 -8.97 27.21
CA GLU F 82 -35.39 -9.03 26.77
C GLU F 82 -36.37 -9.15 27.91
N ALA F 83 -36.07 -10.06 28.83
CA ALA F 83 -36.92 -10.27 29.99
C ALA F 83 -37.10 -8.98 30.76
N ALA F 84 -36.03 -8.18 30.84
CA ALA F 84 -36.06 -6.92 31.59
C ALA F 84 -36.75 -5.78 30.83
N ASN F 85 -37.12 -6.05 29.58
CA ASN F 85 -37.76 -5.07 28.71
C ASN F 85 -36.94 -3.78 28.65
N THR F 86 -35.62 -3.95 28.66
CA THR F 86 -34.71 -2.83 28.48
C THR F 86 -34.44 -2.74 26.99
N LEU F 87 -34.90 -3.75 26.29
CA LEU F 87 -34.71 -3.84 24.87
C LEU F 87 -35.79 -3.09 24.06
N GLN F 88 -35.36 -2.00 23.44
CA GLN F 88 -36.26 -1.05 22.80
C GLN F 88 -36.82 -1.45 21.45
N GLY F 89 -38.11 -1.76 21.43
CA GLY F 89 -38.82 -1.98 20.19
C GLY F 89 -38.88 -3.42 19.71
N PHE F 90 -38.43 -4.35 20.55
CA PHE F 90 -38.35 -5.74 20.12
C PHE F 90 -39.71 -6.44 20.11
N ASN F 91 -40.06 -6.92 18.92
CA ASN F 91 -41.20 -7.80 18.76
C ASN F 91 -40.65 -9.17 18.42
N PRO F 92 -40.71 -10.07 19.41
CA PRO F 92 -40.23 -11.45 19.31
C PRO F 92 -40.92 -12.23 18.18
N GLN F 93 -42.05 -11.71 17.72
CA GLN F 93 -42.92 -12.37 16.73
C GLN F 93 -42.40 -12.51 15.29
N ASN F 94 -41.41 -11.73 14.89
CA ASN F 94 -40.97 -11.74 13.50
C ASN F 94 -39.72 -12.61 13.28
N GLY F 95 -39.42 -13.44 14.29
CA GLY F 95 -38.28 -14.33 14.29
C GLY F 95 -37.40 -14.05 15.50
N THR F 96 -36.39 -14.89 15.73
CA THR F 96 -35.53 -14.67 16.89
C THR F 96 -34.68 -13.47 16.59
N LEU F 97 -34.02 -12.97 17.62
CA LEU F 97 -33.11 -11.86 17.42
C LEU F 97 -32.07 -12.22 16.38
N THR F 98 -31.56 -13.45 16.46
CA THR F 98 -30.57 -13.94 15.52
C THR F 98 -31.13 -13.94 14.10
N GLN F 99 -32.43 -14.14 13.98
CA GLN F 99 -33.09 -14.23 12.69
C GLN F 99 -33.43 -12.86 12.14
N GLN F 100 -33.99 -12.01 13.01
CA GLN F 100 -34.54 -10.71 12.63
C GLN F 100 -33.50 -9.75 12.10
N SER F 101 -32.30 -9.83 12.67
CA SER F 101 -31.27 -8.85 12.40
C SER F 101 -30.63 -8.91 11.01
N ALA F 102 -30.93 -9.93 10.23
CA ALA F 102 -30.30 -10.05 8.92
C ALA F 102 -30.81 -9.13 7.80
N GLN F 103 -32.04 -8.62 7.88
CA GLN F 103 -32.55 -7.79 6.76
C GLN F 103 -31.96 -6.37 6.78
N PRO F 104 -31.40 -5.94 5.64
CA PRO F 104 -30.70 -4.65 5.44
C PRO F 104 -31.43 -3.39 5.87
N ASN F 105 -32.74 -3.31 5.67
CA ASN F 105 -33.41 -2.07 6.01
C ASN F 105 -33.64 -1.97 7.51
N ALA F 106 -33.39 -3.08 8.21
CA ALA F 106 -33.59 -3.15 9.65
C ALA F 106 -32.35 -2.72 10.42
N GLY F 107 -31.88 -1.50 10.16
CA GLY F 107 -30.64 -1.02 10.75
C GLY F 107 -30.70 -0.72 12.24
N ASP F 108 -31.85 -0.26 12.72
CA ASP F 108 -31.99 0.12 14.12
C ASP F 108 -31.80 -1.09 15.02
N LEU F 109 -32.44 -2.19 14.67
CA LEU F 109 -32.44 -3.38 15.51
C LEU F 109 -31.09 -4.10 15.49
N ARG F 110 -30.49 -4.13 14.30
CA ARG F 110 -29.18 -4.75 14.12
C ARG F 110 -28.16 -4.08 15.03
N SER F 111 -28.32 -2.78 15.23
CA SER F 111 -27.44 -2.02 16.09
C SER F 111 -27.38 -2.60 17.50
N GLN F 112 -28.53 -2.97 18.05
CA GLN F 112 -28.57 -3.49 19.41
C GLN F 112 -27.96 -4.89 19.57
N TYR F 113 -28.14 -5.78 18.58
CA TYR F 113 -27.58 -7.14 18.63
C TYR F 113 -26.08 -7.11 18.92
N GLN F 114 -25.41 -6.24 18.19
CA GLN F 114 -23.98 -6.06 18.23
C GLN F 114 -23.41 -5.81 19.63
N ASN F 115 -24.15 -5.04 20.41
CA ASN F 115 -23.69 -4.63 21.72
C ASN F 115 -23.44 -5.75 22.72
N LEU F 116 -24.40 -6.65 22.87
CA LEU F 116 -24.29 -7.74 23.84
C LEU F 116 -23.10 -8.63 23.52
N TRP F 117 -22.86 -8.79 22.23
CA TRP F 117 -21.76 -9.58 21.72
C TRP F 117 -20.44 -9.08 22.31
N LEU F 118 -20.31 -7.76 22.35
CA LEU F 118 -19.14 -7.13 22.94
C LEU F 118 -19.02 -7.38 24.43
N GLN F 119 -20.10 -7.11 25.16
CA GLN F 119 -20.12 -7.20 26.63
C GLN F 119 -19.74 -8.59 27.10
N ALA F 120 -20.10 -9.58 26.29
CA ALA F 120 -19.86 -10.98 26.60
C ALA F 120 -18.39 -11.35 26.74
N TRP F 121 -17.50 -10.49 26.26
CA TRP F 121 -16.07 -10.76 26.39
C TRP F 121 -15.49 -10.45 27.76
N LYS F 122 -16.26 -9.77 28.60
CA LYS F 122 -15.75 -9.44 29.91
C LYS F 122 -15.75 -10.65 30.84
N ASN F 123 -14.76 -10.69 31.71
CA ASN F 123 -14.66 -11.67 32.78
C ASN F 123 -15.01 -13.13 32.46
N LEU F 124 -14.57 -13.61 31.31
CA LEU F 124 -14.78 -15.00 30.92
C LEU F 124 -13.38 -15.40 30.54
N PRO F 125 -13.12 -16.63 30.04
CA PRO F 125 -11.95 -17.26 30.67
C PRO F 125 -10.60 -16.59 30.44
N THR F 126 -10.58 -15.28 30.67
CA THR F 126 -9.39 -14.47 30.77
C THR F 126 -9.01 -14.29 32.23
N ARG F 127 -9.91 -14.70 33.14
CA ARG F 127 -9.85 -14.29 34.54
C ARG F 127 -8.54 -14.66 35.22
N PRO F 128 -7.76 -13.64 35.63
CA PRO F 128 -6.38 -13.76 36.09
C PRO F 128 -6.17 -14.22 37.54
N SER F 129 -4.98 -14.73 37.83
CA SER F 129 -4.50 -14.93 39.19
C SER F 129 -3.94 -13.60 39.70
N VAL F 130 -3.53 -12.76 38.75
CA VAL F 130 -3.09 -11.39 38.97
C VAL F 130 -4.27 -10.48 39.34
N GLN F 131 -5.46 -11.07 39.31
CA GLN F 131 -6.77 -10.41 39.40
C GLN F 131 -7.17 -9.35 40.45
N PRO F 132 -6.63 -9.37 41.68
CA PRO F 132 -7.31 -8.55 42.70
C PRO F 132 -7.39 -7.05 42.40
N TRP F 133 -8.34 -6.71 41.54
CA TRP F 133 -8.58 -5.35 41.12
C TRP F 133 -9.02 -4.59 42.35
N SER F 134 -8.89 -3.26 42.32
CA SER F 134 -9.24 -2.34 43.43
C SER F 134 -8.16 -2.37 44.50
N THR F 135 -7.16 -3.21 44.31
CA THR F 135 -6.02 -3.26 45.22
C THR F 135 -5.05 -2.17 44.81
N ILE F 136 -5.37 -1.55 43.69
CA ILE F 136 -4.49 -0.52 43.18
C ILE F 136 -4.54 0.67 44.08
N VAL F 137 -3.37 1.06 44.55
CA VAL F 137 -3.26 2.14 45.50
C VAL F 137 -2.12 3.00 44.96
N GLN F 138 -2.04 4.25 45.37
CA GLN F 138 -1.00 5.09 44.85
C GLN F 138 0.23 4.80 45.68
N GLY F 139 1.29 4.41 45.00
CA GLY F 139 2.55 4.10 45.65
C GLY F 139 3.10 5.34 46.31
N PRO F 140 4.09 5.18 47.19
CA PRO F 140 4.68 6.33 47.85
C PRO F 140 5.29 7.28 46.84
N ALA F 141 5.69 6.75 45.69
CA ALA F 141 6.35 7.55 44.66
C ALA F 141 5.67 7.46 43.30
N GLU F 142 4.44 6.96 43.26
CA GLU F 142 3.72 6.92 41.99
C GLU F 142 2.86 8.17 41.81
N SER F 143 2.91 8.74 40.61
CA SER F 143 2.10 9.90 40.25
C SER F 143 0.60 9.64 40.29
N TYR F 144 -0.15 10.64 40.75
CA TYR F 144 -1.59 10.56 40.81
C TYR F 144 -2.14 10.21 39.43
N VAL F 145 -1.62 10.87 38.40
CA VAL F 145 -2.09 10.70 37.04
C VAL F 145 -1.95 9.26 36.52
N GLU F 146 -0.82 8.59 36.77
CA GLU F 146 -0.68 7.19 36.35
C GLU F 146 -1.47 6.28 37.26
N PHE F 147 -1.47 6.65 38.53
CA PHE F 147 -2.23 5.92 39.53
C PHE F 147 -3.66 5.77 39.09
N VAL F 148 -4.27 6.87 38.67
CA VAL F 148 -5.62 6.82 38.13
C VAL F 148 -5.64 5.95 36.89
N ASN F 149 -4.58 6.03 36.10
CA ASN F 149 -4.50 5.24 34.88
C ASN F 149 -4.59 3.78 35.22
N ARG F 150 -3.70 3.31 36.07
CA ARG F 150 -3.68 1.91 36.49
C ARG F 150 -5.04 1.46 37.00
N LEU F 151 -5.63 2.33 37.80
CA LEU F 151 -6.94 2.12 38.39
C LEU F 151 -8.01 1.93 37.35
N GLN F 152 -8.07 2.89 36.44
CA GLN F 152 -9.07 2.91 35.39
C GLN F 152 -8.91 1.71 34.47
N ILE F 153 -7.67 1.29 34.26
CA ILE F 153 -7.37 0.09 33.46
C ILE F 153 -7.98 -1.12 34.16
N SER F 154 -7.66 -1.26 35.45
CA SER F 154 -8.12 -2.41 36.21
C SER F 154 -9.63 -2.47 36.22
N LEU F 155 -10.26 -1.32 36.38
CA LEU F 155 -11.71 -1.25 36.41
C LEU F 155 -12.29 -1.62 35.05
N ALA F 156 -11.76 -1.02 33.98
CA ALA F 156 -12.28 -1.23 32.64
C ALA F 156 -12.15 -2.69 32.28
N ASP F 157 -11.15 -3.33 32.87
CA ASP F 157 -11.02 -4.76 32.75
C ASP F 157 -12.01 -5.45 33.69
N ASN F 158 -11.92 -5.13 34.98
CA ASN F 158 -12.64 -5.88 36.01
C ASN F 158 -13.73 -5.16 36.78
N LEU F 159 -15.01 -5.37 36.46
CA LEU F 159 -16.07 -4.78 37.27
C LEU F 159 -17.33 -5.60 37.18
N PRO F 160 -18.04 -5.79 38.29
CA PRO F 160 -19.31 -6.46 38.06
C PRO F 160 -20.23 -5.51 37.29
N ASP F 161 -21.05 -6.09 36.43
CA ASP F 161 -21.90 -5.41 35.47
C ASP F 161 -23.02 -4.57 36.02
N GLY F 162 -23.76 -5.13 36.97
CA GLY F 162 -24.85 -4.42 37.57
C GLY F 162 -24.33 -3.20 38.31
N VAL F 163 -23.01 -3.07 38.33
CA VAL F 163 -22.37 -2.02 39.08
C VAL F 163 -22.05 -0.86 38.17
N PRO F 164 -22.69 0.29 38.41
CA PRO F 164 -22.42 1.46 37.59
C PRO F 164 -21.03 1.96 37.91
N LYS F 165 -20.26 2.22 36.86
CA LYS F 165 -18.85 2.55 36.98
C LYS F 165 -18.59 3.95 37.47
N GLU F 166 -19.44 4.85 37.03
CA GLU F 166 -19.30 6.27 37.27
C GLU F 166 -19.10 6.55 38.75
N PRO F 167 -20.06 6.13 39.60
CA PRO F 167 -19.89 6.47 41.02
C PRO F 167 -18.63 5.88 41.58
N ILE F 168 -18.23 4.73 41.04
CA ILE F 168 -17.07 4.01 41.54
C ILE F 168 -15.77 4.74 41.31
N ILE F 169 -15.59 5.16 40.06
CA ILE F 169 -14.40 5.91 39.71
C ILE F 169 -14.18 7.12 40.59
N ASP F 170 -15.19 7.98 40.70
CA ASP F 170 -15.09 9.20 41.52
C ASP F 170 -14.69 8.90 42.95
N SER F 171 -15.06 7.71 43.42
CA SER F 171 -14.80 7.31 44.80
C SER F 171 -13.37 6.82 45.00
N LEU F 172 -12.97 5.82 44.22
CA LEU F 172 -11.69 5.15 44.47
C LEU F 172 -10.52 6.10 44.33
N SER F 173 -10.72 7.13 43.52
CA SER F 173 -9.75 8.18 43.33
C SER F 173 -9.33 8.83 44.65
N TYR F 174 -10.25 8.91 45.60
CA TYR F 174 -9.86 9.43 46.89
C TYR F 174 -9.33 8.31 47.77
N ALA F 175 -10.14 7.27 47.93
CA ALA F 175 -9.86 6.15 48.84
C ALA F 175 -8.47 5.54 48.67
N ASN F 176 -8.08 5.27 47.44
CA ASN F 176 -6.81 4.58 47.17
C ASN F 176 -5.67 5.59 47.00
N ALA F 177 -5.94 6.85 47.26
CA ALA F 177 -4.88 7.84 47.12
C ALA F 177 -4.00 7.79 48.35
N ASN F 178 -2.75 8.17 48.17
CA ASN F 178 -1.82 8.18 49.29
C ASN F 178 -2.05 9.35 50.21
N LYS F 179 -1.24 9.41 51.26
CA LYS F 179 -1.34 10.37 52.34
C LYS F 179 -1.52 11.82 51.87
N GLU F 180 -0.65 12.20 50.94
CA GLU F 180 -0.50 13.57 50.46
C GLU F 180 -1.70 14.17 49.73
N CYS F 181 -2.18 13.44 48.74
CA CYS F 181 -3.20 13.95 47.82
C CYS F 181 -4.59 14.02 48.43
N GLN F 182 -4.81 13.20 49.45
CA GLN F 182 -6.10 13.19 50.12
C GLN F 182 -6.36 14.55 50.75
N GLN F 183 -5.35 15.12 51.40
CA GLN F 183 -5.47 16.41 52.06
C GLN F 183 -5.86 17.57 51.15
N ILE F 184 -5.43 17.51 49.90
CA ILE F 184 -5.73 18.56 48.96
C ILE F 184 -7.21 18.59 48.70
N LEU F 185 -7.72 17.42 48.40
CA LEU F 185 -9.13 17.22 48.12
C LEU F 185 -9.94 17.66 49.32
N GLN F 186 -9.40 17.43 50.51
CA GLN F 186 -9.98 17.99 51.71
C GLN F 186 -9.81 19.50 51.66
N GLY F 187 -8.59 19.91 51.38
CA GLY F 187 -8.19 21.31 51.37
C GLY F 187 -9.08 22.18 50.51
N ARG F 188 -9.45 21.67 49.34
CA ARG F 188 -10.35 22.38 48.47
C ARG F 188 -11.75 21.85 48.55
N GLY F 189 -11.90 20.72 49.24
CA GLY F 189 -13.20 20.08 49.38
C GLY F 189 -13.61 19.43 48.08
N LEU F 190 -12.70 18.65 47.50
CA LEU F 190 -12.98 17.98 46.24
C LEU F 190 -13.12 16.45 46.30
N VAL F 191 -13.29 15.90 47.51
CA VAL F 191 -13.33 14.46 47.75
C VAL F 191 -14.47 13.74 47.03
N ALA F 192 -15.55 14.45 46.73
CA ALA F 192 -16.71 13.86 46.07
C ALA F 192 -16.85 14.23 44.59
N ALA F 193 -15.96 15.09 44.12
CA ALA F 193 -16.00 15.60 42.74
C ALA F 193 -15.69 14.51 41.71
N PRO F 194 -16.21 14.65 40.47
CA PRO F 194 -15.79 13.72 39.42
C PRO F 194 -14.27 13.65 39.33
N VAL F 195 -13.72 12.47 39.11
CA VAL F 195 -12.28 12.28 39.18
C VAL F 195 -11.51 13.27 38.31
N GLY F 196 -12.10 13.64 37.18
CA GLY F 196 -11.47 14.54 36.23
C GLY F 196 -11.15 15.87 36.86
N GLN F 197 -11.96 16.22 37.86
CA GLN F 197 -11.78 17.44 38.61
C GLN F 197 -10.75 17.20 39.70
N LYS F 198 -10.69 15.95 40.16
CA LYS F 198 -9.68 15.54 41.12
C LYS F 198 -8.35 15.56 40.39
N LEU F 199 -8.35 15.12 39.14
CA LEU F 199 -7.14 15.14 38.34
C LEU F 199 -6.51 16.51 38.12
N GLN F 200 -7.29 17.47 37.62
CA GLN F 200 -6.73 18.79 37.29
C GLN F 200 -6.10 19.46 38.50
N ALA F 201 -6.69 19.24 39.68
CA ALA F 201 -6.23 19.88 40.90
C ALA F 201 -4.93 19.23 41.38
N CYS F 202 -4.87 17.90 41.39
CA CYS F 202 -3.65 17.18 41.77
C CYS F 202 -2.75 16.91 40.54
N ALA F 203 -3.06 17.50 39.39
CA ALA F 203 -2.30 17.26 38.18
C ALA F 203 -0.87 17.73 38.28
N HIS F 204 -0.62 18.58 39.27
CA HIS F 204 0.65 19.27 39.39
C HIS F 204 1.60 18.80 40.52
N TRP F 205 1.06 18.10 41.52
CA TRP F 205 1.82 17.65 42.70
C TRP F 205 3.05 16.80 42.42
N ALA F 206 4.06 16.92 43.28
CA ALA F 206 5.26 16.09 43.20
C ALA F 206 5.46 15.26 44.47
#